data_3DPR
#
_entry.id   3DPR
#
_cell.length_a   498.117
_cell.length_b   498.117
_cell.length_c   658.425
_cell.angle_alpha   90.00
_cell.angle_beta   90.00
_cell.angle_gamma   90.00
#
_symmetry.space_group_name_H-M   'P 43 21 2'
#
loop_
_entity.id
_entity.type
_entity.pdbx_description
1 polymer 'Protein VP1'
2 polymer 'Protein VP2'
3 polymer 'Protein VP3'
4 polymer 'Protein VP4'
5 polymer 'LDL-receptor class A 3'
6 non-polymer 'LAURIC ACID'
7 non-polymer 'CALCIUM ION'
#
loop_
_entity_poly.entity_id
_entity_poly.type
_entity_poly.pdbx_seq_one_letter_code
_entity_poly.pdbx_strand_id
1 'polypeptide(L)'
;NPVENYIDEVLNEVLVVPNINSSNPTTSNSAPALDAAETGHTSSVQPEDVIETRYVQTSQTRDEMSLESFLGRSGCIHES
KLEVTLANYNKENFTVWAINLQEMAQIRRKFELFTYTRFDSEITLVPCISALSQDIGHITMQYMYVPPGAPVPNSRDDYA
WQSGTNASVFWQHGQAYPRFSLPFLSVASAYYMFYDGYDEQDQNYGTANTNNMGSLCSRIVTEKHIHKVHIMTRIYHKAK
HVKAWCPRPPRALEYTRAHRTNFKIEDRSIQTAIVTRPIITTAGPSDMY
;
A
2 'polypeptide(L)'
;SPTVEACGYSDRIIQITRGDSTITSQDVANAIVAYGVWPHYLSSKDASAIDKPSQPDTSSNRFYTLRSVTWSSSSKGWWW
KLPDALKDMGIFGENMFYHYLGRSGYTIHVQCNASKFHQGTLIVALIPEHQIASALHGNVNVGYNYTHPGETGREVKAET
RLNPDLQPTEEYWLNFDGTLLGNITIFPHQFINLRSNNSATIIAPYVNAVPMDSMRSHNNWSLVIIPICPLETSSAINTI
PITISISPMCAEFSGARAKRQ
;
B
3 'polypeptide(L)'
;GLPVFITPGSGQFLTTDDFQSPCALPWYHPTKEISIPGEVKNLVEICQVDSLVPINNTDTYINSENMYSVVLQSSINAPD
KIFSIRTDVASQPLATTLIGEISSYFTHWTGSLRFSFMFCGTANTTVKLLLAYTPPGIAEPTTRKDAMLGTHVIWDVGLQ
STISMVVPWISASHYRNTSPGRSTSGYITCWYQTRLVIPPQTPPTARLLCFVSGCKDFCLRMARDTNLHLQSGAIAQ
;
C
4 'polypeptide(L)' GAQVSRQNVGTHSTQNSVSNGSSLNYFNINYFKDAASNGASKLEFTQDPSKFTDPVKDVLEKGIPTLQ D
5 'polypeptide(L)' CRIHEISCGAHSTQCIPVSWRCDGENDCDSGEDEENCGN E
#
loop_
_chem_comp.id
_chem_comp.type
_chem_comp.name
_chem_comp.formula
CA non-polymer 'CALCIUM ION' 'Ca 2'
DAO non-polymer 'LAURIC ACID' 'C12 H24 O2'
#
# COMPACT_ATOMS: atom_id res chain seq x y z
N LEU A 15 -10.90 17.57 15.40
CA LEU A 15 -10.53 16.13 15.71
C LEU A 15 -9.39 15.91 16.74
N VAL A 16 -9.72 15.59 18.00
CA VAL A 16 -8.70 15.61 19.06
C VAL A 16 -8.11 14.29 19.55
N VAL A 17 -6.94 14.46 20.13
CA VAL A 17 -6.24 13.45 20.80
C VAL A 17 -6.59 13.51 22.27
N PRO A 18 -6.88 12.32 22.84
CA PRO A 18 -7.01 12.13 24.29
C PRO A 18 -5.88 12.76 25.09
N ASN A 19 -6.13 12.97 26.37
CA ASN A 19 -5.15 13.63 27.16
C ASN A 19 -4.57 12.62 28.04
N ILE A 20 -3.53 13.02 28.73
CA ILE A 20 -2.82 12.11 29.62
C ILE A 20 -3.17 12.31 31.07
N ASN A 21 -3.49 11.22 31.76
CA ASN A 21 -3.95 11.28 33.16
C ASN A 21 -2.95 10.91 34.19
N SER A 22 -2.96 11.67 35.29
CA SER A 22 -2.13 11.32 36.40
C SER A 22 -2.22 9.81 36.57
N SER A 23 -1.07 9.18 36.86
CA SER A 23 -1.01 7.74 37.23
C SER A 23 -0.33 7.49 38.57
N ASN A 24 -0.60 6.36 39.16
CA ASN A 24 -0.15 6.10 40.49
C ASN A 24 0.46 4.73 40.66
N PRO A 25 1.27 4.57 41.71
CA PRO A 25 2.03 3.41 42.12
C PRO A 25 1.18 2.15 42.28
N THR A 26 0.98 1.50 41.13
CA THR A 26 0.25 0.25 41.00
C THR A 26 1.04 -0.87 41.65
N THR A 27 0.34 -1.80 42.28
CA THR A 27 1.00 -2.92 42.88
C THR A 27 0.02 -3.99 42.74
N SER A 28 -0.63 -3.98 41.57
CA SER A 28 -1.81 -4.84 41.27
C SER A 28 -1.48 -6.34 41.02
N ASN A 29 -2.42 -7.22 41.36
CA ASN A 29 -2.36 -8.59 40.90
C ASN A 29 -2.65 -8.65 39.37
N SER A 30 -3.10 -7.53 38.81
CA SER A 30 -3.48 -7.43 37.42
C SER A 30 -2.33 -6.84 36.59
N ALA A 31 -1.83 -7.60 35.61
CA ALA A 31 -0.84 -7.06 34.69
C ALA A 31 -1.51 -6.73 33.29
N PRO A 32 -1.58 -5.40 32.89
CA PRO A 32 -2.06 -4.94 31.55
C PRO A 32 -0.96 -4.96 30.50
N ALA A 33 0.31 -4.82 30.94
CA ALA A 33 1.51 -4.75 30.08
C ALA A 33 1.82 -6.08 29.44
N LEU A 34 1.63 -7.13 30.24
CA LEU A 34 1.76 -8.47 29.75
C LEU A 34 0.55 -8.85 28.87
N ASP A 35 0.84 -9.11 27.61
CA ASP A 35 -0.17 -9.61 26.69
C ASP A 35 0.47 -10.68 25.76
N ALA A 36 -0.12 -10.90 24.60
CA ALA A 36 0.38 -11.86 23.64
C ALA A 36 0.03 -11.25 22.26
N ALA A 37 1.02 -11.14 21.40
CA ALA A 37 0.75 -10.63 20.09
C ALA A 37 0.10 -11.74 19.21
N GLU A 38 0.30 -13.00 19.59
CA GLU A 38 -0.24 -14.16 18.83
C GLU A 38 -1.65 -13.86 18.35
N THR A 39 -2.44 -13.38 19.31
CA THR A 39 -3.80 -12.99 19.11
C THR A 39 -3.94 -12.38 17.71
N GLY A 40 -2.92 -11.64 17.30
CA GLY A 40 -3.02 -10.84 16.10
C GLY A 40 -3.46 -9.41 16.41
N HIS A 41 -3.53 -9.11 17.71
CA HIS A 41 -3.97 -7.82 18.22
C HIS A 41 -2.83 -6.94 18.65
N THR A 42 -3.02 -5.67 18.45
CA THR A 42 -2.13 -4.71 19.03
C THR A 42 -2.48 -4.55 20.51
N SER A 43 -1.48 -4.81 21.36
CA SER A 43 -1.63 -4.79 22.83
C SER A 43 -2.04 -3.42 23.35
N SER A 44 -3.09 -3.39 24.16
CA SER A 44 -3.66 -2.14 24.69
C SER A 44 -3.01 -1.77 26.02
N VAL A 45 -2.08 -0.84 25.92
CA VAL A 45 -1.33 -0.34 27.07
C VAL A 45 -1.09 1.17 26.77
N GLN A 46 -1.30 1.97 27.80
CA GLN A 46 -1.07 3.38 27.69
C GLN A 46 -0.11 3.85 28.76
N PRO A 47 0.62 4.93 28.50
CA PRO A 47 1.64 5.50 29.36
C PRO A 47 1.35 5.30 30.83
N GLU A 48 0.26 5.87 31.33
CA GLU A 48 -0.16 5.73 32.72
C GLU A 48 -0.07 4.29 33.26
N ASP A 49 -0.52 3.33 32.44
CA ASP A 49 -0.52 1.89 32.77
C ASP A 49 0.78 1.42 33.40
N VAL A 50 1.87 2.03 32.95
CA VAL A 50 3.25 1.57 33.21
C VAL A 50 4.12 2.59 33.95
N ILE A 51 3.69 3.86 34.04
CA ILE A 51 4.49 4.85 34.69
C ILE A 51 3.65 5.93 35.42
N GLU A 52 3.96 6.18 36.70
CA GLU A 52 3.40 7.30 37.43
C GLU A 52 3.58 8.54 36.57
N THR A 53 2.50 8.88 35.91
CA THR A 53 2.55 9.92 34.91
C THR A 53 2.01 11.24 35.45
N ARG A 54 2.23 12.28 34.65
CA ARG A 54 1.72 13.59 34.94
C ARG A 54 0.27 13.67 34.57
N TYR A 55 -0.27 14.85 34.51
CA TYR A 55 -1.57 15.00 33.93
C TYR A 55 -1.48 16.09 32.89
N VAL A 56 -1.73 15.70 31.62
CA VAL A 56 -1.54 16.59 30.47
C VAL A 56 -2.78 16.83 29.64
N GLN A 57 -3.07 18.12 29.50
CA GLN A 57 -4.07 18.58 28.60
C GLN A 57 -3.42 18.66 27.22
N THR A 58 -3.91 17.81 26.33
CA THR A 58 -3.45 17.75 24.95
C THR A 58 -4.33 18.53 23.97
N SER A 59 -3.63 19.39 23.21
CA SER A 59 -4.17 20.22 22.15
C SER A 59 -4.05 19.43 20.93
N GLN A 60 -2.84 18.90 20.67
CA GLN A 60 -2.50 18.15 19.45
C GLN A 60 -3.69 17.72 18.60
N THR A 61 -3.58 17.99 17.27
CA THR A 61 -4.69 17.75 16.30
C THR A 61 -4.37 16.75 15.14
N ARG A 62 -5.30 15.80 14.90
CA ARG A 62 -5.14 14.80 13.89
C ARG A 62 -5.77 15.19 12.61
N ASP A 63 -6.50 16.30 12.58
CA ASP A 63 -7.04 16.93 11.35
C ASP A 63 -6.15 16.59 10.12
N GLU A 64 -4.93 17.13 10.14
CA GLU A 64 -3.98 16.91 9.06
C GLU A 64 -3.78 15.42 8.79
N MET A 65 -3.91 14.61 9.84
CA MET A 65 -3.75 13.16 9.71
C MET A 65 -5.01 12.52 9.15
N SER A 66 -5.82 13.32 8.45
CA SER A 66 -7.04 12.83 7.85
C SER A 66 -6.82 12.34 6.42
N LEU A 67 -7.51 11.28 6.03
CA LEU A 67 -7.38 10.72 4.69
C LEU A 67 -7.35 11.83 3.64
N GLU A 68 -8.43 12.60 3.58
CA GLU A 68 -8.53 13.69 2.62
C GLU A 68 -7.37 14.67 2.76
N SER A 69 -6.85 14.78 3.97
CA SER A 69 -5.74 15.68 4.25
C SER A 69 -4.44 15.14 3.64
N PHE A 70 -4.39 13.83 3.43
CA PHE A 70 -3.25 13.21 2.88
C PHE A 70 -3.27 13.31 1.35
N LEU A 71 -4.21 12.61 0.73
CA LEU A 71 -4.29 12.44 -0.71
C LEU A 71 -4.94 13.64 -1.33
N GLY A 72 -5.49 14.47 -0.43
CA GLY A 72 -6.09 15.72 -0.81
C GLY A 72 -5.06 16.76 -1.21
N ARG A 73 -3.94 16.33 -1.77
CA ARG A 73 -2.94 17.26 -2.22
C ARG A 73 -2.60 16.95 -3.67
N SER A 74 -2.40 18.01 -4.43
CA SER A 74 -2.16 17.87 -5.86
C SER A 74 -0.72 17.40 -6.08
N GLY A 75 -0.52 16.36 -6.92
CA GLY A 75 0.81 15.86 -7.30
C GLY A 75 0.91 15.58 -8.77
N CYS A 76 2.10 15.36 -9.31
CA CYS A 76 2.23 15.06 -10.76
C CYS A 76 2.09 13.53 -11.06
N ILE A 77 1.45 13.21 -12.17
CA ILE A 77 1.20 11.83 -12.51
C ILE A 77 1.73 11.49 -13.89
N HIS A 78 2.06 12.55 -14.62
CA HIS A 78 2.43 12.47 -16.05
C HIS A 78 2.91 13.82 -16.72
N GLU A 79 3.99 13.71 -17.49
CA GLU A 79 4.47 14.84 -18.28
C GLU A 79 4.39 14.38 -19.72
N SER A 80 3.51 14.95 -20.53
CA SER A 80 3.35 14.52 -21.92
C SER A 80 3.98 15.47 -22.92
N LYS A 81 5.20 15.16 -23.35
CA LYS A 81 5.94 16.05 -24.23
C LYS A 81 5.55 15.86 -25.66
N LEU A 82 5.10 16.92 -26.31
CA LEU A 82 4.81 16.92 -27.77
C LEU A 82 5.81 17.75 -28.62
N GLU A 83 6.38 17.14 -29.66
CA GLU A 83 7.40 17.81 -30.45
C GLU A 83 6.85 18.23 -31.74
N VAL A 84 6.73 19.54 -31.90
CA VAL A 84 6.26 20.18 -33.14
C VAL A 84 7.22 19.88 -34.31
N THR A 85 6.64 19.32 -35.36
CA THR A 85 7.34 19.03 -36.65
C THR A 85 6.66 19.77 -37.84
N LEU A 86 7.15 20.97 -38.18
CA LEU A 86 6.70 21.66 -39.37
C LEU A 86 7.09 20.73 -40.48
N ALA A 87 6.13 20.39 -41.33
CA ALA A 87 6.28 19.32 -42.35
C ALA A 87 5.64 17.97 -41.94
N ASN A 88 4.53 17.68 -42.59
CA ASN A 88 3.62 16.59 -42.16
C ASN A 88 2.84 17.02 -40.94
N TYR A 89 2.87 18.34 -40.69
CA TYR A 89 2.13 19.05 -39.64
C TYR A 89 0.79 18.39 -39.38
N ASN A 90 -0.12 18.39 -40.36
CA ASN A 90 -1.38 17.66 -40.25
C ASN A 90 -1.21 16.13 -40.48
N LYS A 91 -0.63 15.45 -39.50
CA LYS A 91 -0.28 14.03 -39.61
C LYS A 91 0.34 13.54 -38.29
N GLU A 92 1.28 14.31 -37.76
CA GLU A 92 1.75 14.06 -36.42
C GLU A 92 1.32 15.16 -35.51
N ASN A 93 2.24 15.57 -34.63
CA ASN A 93 1.92 16.67 -33.74
C ASN A 93 0.63 16.42 -32.90
N PHE A 94 0.52 15.19 -32.39
CA PHE A 94 -0.47 14.87 -31.39
C PHE A 94 0.09 13.78 -30.45
N THR A 95 -0.20 13.91 -29.13
CA THR A 95 0.16 12.91 -28.12
C THR A 95 -1.00 12.05 -27.65
N VAL A 96 -0.63 10.95 -27.03
CA VAL A 96 -1.59 10.07 -26.37
C VAL A 96 -1.04 9.61 -25.00
N TRP A 97 -1.94 9.42 -24.06
CA TRP A 97 -1.56 8.85 -22.84
C TRP A 97 -2.66 7.96 -22.22
N ALA A 98 -2.36 6.66 -22.14
CA ALA A 98 -3.20 5.73 -21.42
C ALA A 98 -3.23 6.19 -19.95
N ILE A 99 -4.43 6.55 -19.48
CA ILE A 99 -4.56 7.22 -18.19
C ILE A 99 -4.30 6.30 -17.00
N ASN A 100 -3.56 6.80 -16.03
CA ASN A 100 -3.37 6.07 -14.81
C ASN A 100 -2.42 6.81 -13.92
N LEU A 101 -2.38 6.41 -12.67
CA LEU A 101 -1.54 7.05 -11.65
C LEU A 101 -0.26 6.26 -11.38
N GLN A 102 -0.30 4.97 -11.74
CA GLN A 102 0.79 4.03 -11.55
C GLN A 102 2.09 4.48 -12.22
N GLU A 103 2.17 5.72 -12.64
CA GLU A 103 3.36 6.13 -13.37
C GLU A 103 4.39 7.03 -12.69
N MET A 104 4.07 7.56 -11.50
CA MET A 104 4.85 8.65 -10.89
C MET A 104 5.03 8.50 -9.39
N ALA A 105 5.87 7.54 -9.02
CA ALA A 105 6.11 7.05 -7.64
C ALA A 105 5.45 7.86 -6.58
N GLN A 106 6.05 8.99 -6.20
CA GLN A 106 5.49 9.91 -5.19
C GLN A 106 4.03 9.57 -4.89
N ILE A 107 3.17 9.96 -5.86
CA ILE A 107 1.73 9.67 -5.87
C ILE A 107 1.46 8.20 -5.64
N ARG A 108 1.74 7.43 -6.67
CA ARG A 108 1.54 6.03 -6.65
C ARG A 108 1.69 5.47 -5.24
N ARG A 109 2.81 5.70 -4.59
CA ARG A 109 3.10 5.03 -3.31
C ARG A 109 2.05 5.23 -2.23
N LYS A 110 1.69 6.50 -2.08
CA LYS A 110 0.68 6.90 -1.12
C LYS A 110 -0.53 6.00 -1.24
N PHE A 111 -1.31 6.26 -2.29
CA PHE A 111 -2.48 5.45 -2.64
C PHE A 111 -2.18 3.97 -2.50
N GLU A 112 -1.04 3.54 -3.04
CA GLU A 112 -0.65 2.15 -2.93
C GLU A 112 -0.53 1.78 -1.45
N LEU A 113 -0.96 2.70 -0.62
CA LEU A 113 -1.07 2.47 0.80
C LEU A 113 -2.27 1.57 1.16
N PHE A 114 -3.28 1.57 0.29
CA PHE A 114 -4.51 0.86 0.55
C PHE A 114 -4.92 0.05 -0.64
N THR A 115 -5.62 -1.04 -0.35
CA THR A 115 -6.11 -1.95 -1.36
C THR A 115 -7.26 -1.39 -2.25
N TYR A 116 -8.09 -0.50 -1.70
CA TYR A 116 -9.08 0.22 -2.48
C TYR A 116 -9.17 1.65 -2.07
N THR A 117 -9.51 2.46 -3.05
CA THR A 117 -9.70 3.88 -2.84
C THR A 117 -10.89 4.37 -3.74
N ARG A 118 -11.66 5.32 -3.23
CA ARG A 118 -12.74 5.96 -3.99
C ARG A 118 -12.62 7.47 -3.82
N PHE A 119 -12.82 8.21 -4.91
CA PHE A 119 -12.62 9.64 -4.85
C PHE A 119 -12.80 10.25 -6.22
N ASP A 120 -13.19 11.50 -6.20
CA ASP A 120 -13.22 12.29 -7.38
C ASP A 120 -11.80 12.86 -7.59
N SER A 121 -11.50 13.35 -8.80
CA SER A 121 -10.15 13.82 -9.13
C SER A 121 -10.14 15.26 -9.65
N GLU A 122 -9.26 16.12 -9.14
CA GLU A 122 -9.07 17.47 -9.73
C GLU A 122 -7.79 17.50 -10.56
N ILE A 123 -7.94 17.55 -11.88
CA ILE A 123 -6.78 17.52 -12.74
C ILE A 123 -6.32 18.93 -13.07
N THR A 124 -5.03 19.18 -12.87
CA THR A 124 -4.45 20.49 -13.14
C THR A 124 -3.32 20.37 -14.12
N LEU A 125 -3.23 21.37 -14.99
CA LEU A 125 -2.37 21.29 -16.15
C LEU A 125 -1.33 22.34 -16.05
N VAL A 126 -0.18 22.01 -16.61
CA VAL A 126 0.94 22.95 -16.73
C VAL A 126 1.68 22.80 -18.08
N PRO A 127 1.21 23.54 -19.09
CA PRO A 127 1.87 23.73 -20.33
C PRO A 127 3.16 24.56 -20.26
N CYS A 128 4.21 24.05 -20.89
CA CYS A 128 5.51 24.71 -20.98
C CYS A 128 6.01 24.69 -22.42
N ILE A 129 6.13 25.90 -22.96
CA ILE A 129 6.69 26.08 -24.30
C ILE A 129 8.17 26.38 -24.30
N SER A 130 8.92 25.34 -24.67
CA SER A 130 10.36 25.43 -24.90
C SER A 130 10.52 25.94 -26.31
N ALA A 131 10.90 27.20 -26.46
CA ALA A 131 11.04 27.79 -27.79
C ALA A 131 12.22 27.25 -28.57
N LEU A 132 12.05 27.10 -29.89
CA LEU A 132 13.19 26.68 -30.72
C LEU A 132 13.67 27.65 -31.80
N SER A 133 12.73 28.18 -32.60
CA SER A 133 13.06 29.36 -33.43
C SER A 133 13.12 30.59 -32.54
N GLN A 134 13.76 31.65 -33.02
CA GLN A 134 14.00 32.86 -32.19
C GLN A 134 12.72 33.45 -31.59
N ASP A 135 11.58 32.93 -32.08
CA ASP A 135 10.21 33.30 -31.64
C ASP A 135 9.23 32.11 -31.35
N ILE A 136 8.27 32.37 -30.48
CA ILE A 136 7.24 31.41 -30.09
C ILE A 136 6.01 31.47 -30.98
N GLY A 137 5.57 32.69 -31.26
CA GLY A 137 4.36 32.95 -31.98
C GLY A 137 3.18 32.72 -31.06
N HIS A 138 2.10 32.20 -31.67
CA HIS A 138 0.85 31.93 -30.98
C HIS A 138 0.54 30.44 -31.07
N ILE A 139 0.43 29.82 -29.89
CA ILE A 139 0.28 28.40 -29.77
C ILE A 139 -0.99 28.13 -29.06
N THR A 140 -1.72 27.14 -29.53
CA THR A 140 -2.98 26.74 -28.91
C THR A 140 -3.06 25.22 -28.84
N MET A 141 -3.28 24.74 -27.63
CA MET A 141 -3.32 23.33 -27.38
C MET A 141 -4.77 22.87 -27.19
N GLN A 142 -5.03 21.60 -27.46
CA GLN A 142 -6.31 20.99 -27.11
C GLN A 142 -6.12 19.74 -26.32
N TYR A 143 -6.96 19.51 -25.35
CA TYR A 143 -6.77 18.30 -24.58
C TYR A 143 -8.03 17.52 -24.48
N MET A 144 -8.13 16.50 -25.29
CA MET A 144 -9.37 15.72 -25.28
C MET A 144 -9.12 14.53 -24.41
N TYR A 145 -9.94 14.42 -23.37
CA TYR A 145 -10.07 13.20 -22.63
C TYR A 145 -10.83 12.20 -23.50
N VAL A 146 -10.19 11.08 -23.82
CA VAL A 146 -10.85 10.08 -24.67
C VAL A 146 -11.09 8.78 -23.97
N PRO A 147 -12.37 8.53 -23.66
CA PRO A 147 -12.85 7.34 -22.97
C PRO A 147 -12.57 6.06 -23.76
N PRO A 148 -12.48 4.91 -23.06
CA PRO A 148 -12.29 3.66 -23.74
C PRO A 148 -13.50 3.38 -24.59
N GLY A 149 -13.27 3.35 -25.90
CA GLY A 149 -14.31 3.00 -26.88
C GLY A 149 -14.40 4.14 -27.84
N ALA A 150 -14.09 5.32 -27.34
CA ALA A 150 -14.15 6.51 -28.14
C ALA A 150 -13.07 6.40 -29.24
N PRO A 151 -13.32 7.05 -30.44
CA PRO A 151 -12.38 6.97 -31.55
C PRO A 151 -11.13 7.75 -31.19
N VAL A 152 -10.00 7.08 -31.34
CA VAL A 152 -8.70 7.68 -31.03
C VAL A 152 -8.24 8.53 -32.24
N PRO A 153 -7.79 9.79 -32.00
CA PRO A 153 -7.26 10.70 -33.06
C PRO A 153 -6.02 10.11 -33.67
N ASN A 154 -5.85 10.32 -34.96
CA ASN A 154 -4.68 9.75 -35.59
C ASN A 154 -3.89 10.78 -36.43
N SER A 155 -4.16 12.04 -36.15
CA SER A 155 -3.56 13.11 -36.88
C SER A 155 -3.90 14.38 -36.17
N ARG A 156 -3.03 15.35 -36.33
CA ARG A 156 -3.31 16.67 -35.81
C ARG A 156 -4.65 17.25 -36.32
N ASP A 157 -5.36 16.52 -37.17
CA ASP A 157 -6.60 17.01 -37.84
C ASP A 157 -7.72 15.95 -37.91
N ASP A 158 -7.61 14.90 -37.10
CA ASP A 158 -8.63 13.84 -36.99
C ASP A 158 -9.96 14.53 -36.68
N TYR A 159 -10.99 14.13 -37.39
CA TYR A 159 -12.30 14.63 -37.10
C TYR A 159 -12.53 14.55 -35.60
N ALA A 160 -11.95 13.56 -34.94
CA ALA A 160 -12.12 13.30 -33.49
C ALA A 160 -12.01 14.58 -32.65
N TRP A 161 -11.12 15.52 -33.03
CA TRP A 161 -10.98 16.80 -32.34
C TRP A 161 -12.14 17.77 -32.54
N GLN A 162 -13.20 17.35 -33.19
CA GLN A 162 -14.49 18.06 -33.17
C GLN A 162 -15.17 17.90 -31.80
N SER A 163 -14.70 16.91 -31.03
CA SER A 163 -15.13 16.69 -29.66
C SER A 163 -16.62 16.97 -29.47
N GLY A 164 -17.45 16.45 -30.37
CA GLY A 164 -18.89 16.62 -30.29
C GLY A 164 -19.58 16.10 -29.00
N THR A 165 -18.97 15.12 -28.33
CA THR A 165 -19.51 14.66 -27.06
C THR A 165 -18.35 14.55 -26.02
N ASN A 166 -17.15 14.37 -26.51
CA ASN A 166 -16.07 14.24 -25.62
C ASN A 166 -15.78 15.52 -24.90
N ALA A 167 -15.02 15.39 -23.82
CA ALA A 167 -14.61 16.53 -23.01
C ALA A 167 -13.26 16.96 -23.47
N SER A 168 -13.18 18.17 -23.98
CA SER A 168 -11.91 18.77 -24.41
C SER A 168 -11.72 20.16 -23.82
N VAL A 169 -10.48 20.49 -23.52
CA VAL A 169 -10.16 21.74 -22.87
C VAL A 169 -9.00 22.36 -23.56
N PHE A 170 -9.12 23.64 -23.73
CA PHE A 170 -8.20 24.36 -24.60
C PHE A 170 -7.32 25.23 -23.77
N TRP A 171 -6.09 25.37 -24.22
CA TRP A 171 -5.08 26.19 -23.56
C TRP A 171 -4.15 26.92 -24.55
N GLN A 172 -3.95 28.21 -24.31
CA GLN A 172 -3.08 28.96 -25.18
C GLN A 172 -2.02 29.66 -24.38
N HIS A 173 -0.93 30.03 -25.04
CA HIS A 173 0.10 30.87 -24.45
C HIS A 173 -0.51 32.16 -23.83
N GLY A 174 -0.29 32.30 -22.52
CA GLY A 174 -0.81 33.47 -21.76
C GLY A 174 -2.02 33.15 -20.87
N GLN A 175 -2.86 32.22 -21.31
CA GLN A 175 -3.94 31.67 -20.49
C GLN A 175 -3.41 30.96 -19.22
N ALA A 176 -4.11 31.15 -18.10
CA ALA A 176 -3.57 30.69 -16.83
C ALA A 176 -3.75 29.20 -16.78
N TYR A 177 -2.92 28.54 -16.01
CA TYR A 177 -3.00 27.09 -15.86
C TYR A 177 -4.43 26.58 -15.98
N PRO A 178 -4.70 25.65 -16.92
CA PRO A 178 -6.02 25.10 -16.91
C PRO A 178 -6.15 24.05 -15.84
N ARG A 179 -7.37 23.77 -15.42
CA ARG A 179 -7.64 22.72 -14.46
C ARG A 179 -9.15 22.39 -14.47
N PHE A 180 -9.51 21.12 -14.19
CA PHE A 180 -10.95 20.69 -14.11
C PHE A 180 -11.19 19.58 -13.04
N SER A 181 -12.43 19.14 -12.96
CA SER A 181 -12.76 18.20 -11.97
C SER A 181 -13.39 17.02 -12.61
N LEU A 182 -13.15 15.88 -12.01
CA LEU A 182 -13.57 14.62 -12.56
C LEU A 182 -14.13 13.73 -11.47
N PRO A 183 -15.36 13.24 -11.70
CA PRO A 183 -16.15 12.39 -10.80
C PRO A 183 -15.63 10.99 -10.84
N PHE A 184 -15.26 10.47 -9.67
CA PHE A 184 -14.90 9.06 -9.56
C PHE A 184 -15.61 8.29 -10.74
N LEU A 185 -14.79 7.59 -11.55
CA LEU A 185 -15.22 6.87 -12.76
C LEU A 185 -15.44 5.40 -12.42
N SER A 186 -14.59 4.50 -12.92
CA SER A 186 -14.78 3.09 -12.69
C SER A 186 -16.28 2.61 -12.67
N VAL A 187 -16.48 1.27 -12.70
CA VAL A 187 -17.83 0.63 -12.75
C VAL A 187 -18.03 -0.24 -11.54
N ALA A 188 -17.19 -0.02 -10.55
CA ALA A 188 -17.28 -0.71 -9.30
C ALA A 188 -17.18 0.34 -8.24
N SER A 189 -17.46 -0.02 -6.99
CA SER A 189 -17.43 0.94 -5.90
C SER A 189 -16.13 1.70 -5.72
N ALA A 190 -15.00 1.09 -6.07
CA ALA A 190 -13.70 1.77 -5.84
C ALA A 190 -12.69 1.44 -6.93
N TYR A 191 -11.69 2.34 -7.10
CA TYR A 191 -10.52 2.04 -7.90
C TYR A 191 -9.72 0.94 -7.20
N TYR A 192 -9.38 -0.11 -7.95
CA TYR A 192 -8.52 -1.14 -7.41
C TYR A 192 -7.08 -0.68 -7.34
N MET A 193 -6.46 -0.66 -6.16
CA MET A 193 -5.04 -0.31 -6.11
C MET A 193 -4.17 -1.46 -6.55
N PHE A 194 -4.59 -2.68 -6.19
CA PHE A 194 -3.95 -3.97 -6.57
C PHE A 194 -5.02 -4.92 -7.09
N TYR A 195 -4.59 -6.02 -7.70
CA TYR A 195 -5.55 -7.01 -8.26
C TYR A 195 -4.96 -8.47 -8.38
N ASP A 196 -5.37 -9.36 -7.47
CA ASP A 196 -4.87 -10.71 -7.48
C ASP A 196 -5.62 -11.54 -8.55
N GLY A 197 -5.94 -10.94 -9.68
CA GLY A 197 -6.71 -11.64 -10.72
C GLY A 197 -6.24 -11.42 -12.14
N TYR A 198 -6.79 -12.22 -13.07
CA TYR A 198 -6.42 -12.24 -14.50
C TYR A 198 -7.53 -11.79 -15.45
N ASP A 199 -7.29 -12.08 -16.71
CA ASP A 199 -8.21 -11.75 -17.79
C ASP A 199 -9.34 -12.77 -17.88
N GLU A 200 -10.35 -12.46 -18.71
CA GLU A 200 -11.33 -13.47 -19.18
C GLU A 200 -10.61 -14.49 -20.03
N GLN A 201 -9.38 -14.14 -20.34
CA GLN A 201 -8.46 -14.97 -21.10
C GLN A 201 -7.19 -15.26 -20.27
N ASP A 202 -7.36 -15.50 -18.95
CA ASP A 202 -6.28 -15.89 -18.02
C ASP A 202 -4.94 -15.22 -18.32
N GLN A 203 -4.96 -13.90 -18.46
CA GLN A 203 -3.82 -13.19 -18.98
C GLN A 203 -3.76 -11.83 -18.43
N ASN A 204 -2.56 -11.38 -18.12
CA ASN A 204 -2.32 -10.00 -17.70
C ASN A 204 -2.41 -9.74 -16.20
N TYR A 205 -2.19 -10.79 -15.39
CA TYR A 205 -2.27 -10.67 -13.95
C TYR A 205 -1.88 -9.27 -13.57
N GLY A 206 -2.85 -8.40 -13.34
CA GLY A 206 -2.52 -7.02 -13.05
C GLY A 206 -3.70 -6.11 -12.86
N THR A 207 -3.49 -5.09 -12.06
CA THR A 207 -4.45 -3.99 -11.92
C THR A 207 -4.85 -3.54 -13.29
N ALA A 208 -4.01 -3.88 -14.27
CA ALA A 208 -4.15 -3.46 -15.64
C ALA A 208 -5.46 -3.94 -16.23
N ASN A 209 -5.96 -5.03 -15.70
CA ASN A 209 -7.25 -5.61 -16.13
C ASN A 209 -8.46 -4.66 -16.10
N THR A 210 -8.41 -3.70 -15.19
CA THR A 210 -9.58 -2.92 -14.80
C THR A 210 -9.42 -1.46 -15.11
N ASN A 211 -8.31 -0.93 -14.60
CA ASN A 211 -7.96 0.51 -14.57
C ASN A 211 -7.53 1.10 -15.94
N ASN A 212 -8.07 0.52 -16.98
CA ASN A 212 -8.20 1.21 -18.24
C ASN A 212 -9.29 2.19 -18.00
N MET A 213 -8.92 3.46 -18.14
CA MET A 213 -9.83 4.59 -17.97
C MET A 213 -10.10 5.30 -19.31
N GLY A 214 -9.50 4.81 -20.38
CA GLY A 214 -9.41 5.57 -21.58
C GLY A 214 -8.10 6.28 -21.57
N SER A 215 -8.01 7.32 -22.37
CA SER A 215 -6.72 7.96 -22.62
C SER A 215 -6.81 9.46 -22.81
N LEU A 216 -5.74 10.18 -22.50
CA LEU A 216 -5.71 11.63 -22.68
C LEU A 216 -4.95 11.98 -23.96
N CYS A 217 -5.45 12.95 -24.71
CA CYS A 217 -4.84 13.35 -25.97
C CYS A 217 -4.72 14.86 -26.11
N SER A 218 -3.56 15.31 -26.58
CA SER A 218 -3.32 16.71 -26.83
C SER A 218 -2.96 16.89 -28.30
N ARG A 219 -3.17 18.10 -28.81
CA ARG A 219 -2.82 18.44 -30.17
C ARG A 219 -2.83 19.95 -30.33
N ILE A 220 -1.77 20.49 -30.91
CA ILE A 220 -1.70 21.94 -31.11
C ILE A 220 -2.67 22.30 -32.17
N VAL A 221 -3.45 23.34 -31.93
CA VAL A 221 -4.49 23.74 -32.89
C VAL A 221 -3.88 24.65 -33.91
N THR A 222 -3.04 25.55 -33.43
CA THR A 222 -2.40 26.52 -34.28
C THR A 222 -1.95 25.81 -35.55
N GLU A 223 -2.36 26.38 -36.67
CA GLU A 223 -2.20 25.75 -37.97
C GLU A 223 -0.75 25.88 -38.44
N LYS A 224 -0.46 25.21 -39.57
CA LYS A 224 0.88 25.18 -40.15
C LYS A 224 1.45 26.54 -40.01
N HIS A 225 2.66 26.62 -39.38
CA HIS A 225 3.38 27.90 -39.23
C HIS A 225 4.93 27.81 -39.38
N ILE A 226 5.65 28.64 -38.62
CA ILE A 226 7.08 28.90 -38.87
C ILE A 226 8.02 28.32 -37.82
N HIS A 227 7.66 28.42 -36.55
CA HIS A 227 8.66 28.30 -35.53
C HIS A 227 8.65 26.90 -34.94
N LYS A 228 9.73 26.13 -35.11
CA LYS A 228 9.77 24.83 -34.50
C LYS A 228 9.82 25.10 -32.99
N VAL A 229 9.12 24.27 -32.24
CA VAL A 229 9.04 24.40 -30.80
C VAL A 229 8.58 23.10 -30.10
N HIS A 230 8.56 23.12 -28.77
CA HIS A 230 8.19 21.96 -27.96
C HIS A 230 7.15 22.26 -26.86
N ILE A 231 6.17 21.38 -26.73
CA ILE A 231 5.15 21.50 -25.70
C ILE A 231 5.32 20.50 -24.58
N MET A 232 5.52 21.00 -23.37
CA MET A 232 5.70 20.14 -22.21
C MET A 232 4.62 20.34 -21.16
N THR A 233 3.44 19.82 -21.47
CA THR A 233 2.28 19.81 -20.59
C THR A 233 2.40 18.81 -19.40
N ARG A 234 2.49 19.32 -18.19
CA ARG A 234 2.62 18.41 -17.07
C ARG A 234 1.26 18.26 -16.42
N ILE A 235 0.97 17.06 -15.96
CA ILE A 235 -0.32 16.82 -15.41
C ILE A 235 -0.35 16.56 -13.92
N TYR A 236 -1.25 17.25 -13.24
CA TYR A 236 -1.31 17.23 -11.81
C TYR A 236 -2.66 16.91 -11.28
N HIS A 237 -2.68 16.16 -10.20
CA HIS A 237 -3.88 15.50 -9.66
C HIS A 237 -4.05 15.51 -8.12
N LYS A 238 -5.18 16.07 -7.70
CA LYS A 238 -5.61 16.13 -6.30
C LYS A 238 -6.79 15.21 -6.20
N ALA A 239 -6.74 14.35 -5.19
CA ALA A 239 -7.84 13.46 -4.83
C ALA A 239 -8.83 14.16 -3.88
N LYS A 240 -10.12 14.15 -4.27
CA LYS A 240 -11.20 14.81 -3.49
C LYS A 240 -12.27 13.82 -2.95
N HIS A 241 -12.82 14.14 -1.77
CA HIS A 241 -13.96 13.41 -1.25
C HIS A 241 -13.55 11.94 -1.16
N VAL A 242 -12.66 11.65 -0.22
CA VAL A 242 -11.87 10.42 -0.22
C VAL A 242 -12.27 9.39 0.84
N LYS A 243 -12.28 8.15 0.41
CA LYS A 243 -12.38 7.01 1.28
C LYS A 243 -11.40 5.92 0.82
N ALA A 244 -10.93 5.06 1.76
CA ALA A 244 -10.07 3.92 1.39
C ALA A 244 -10.06 2.79 2.39
N TRP A 245 -9.75 1.60 1.95
CA TRP A 245 -9.89 0.48 2.82
C TRP A 245 -8.70 -0.39 2.72
N CYS A 246 -8.56 -1.26 3.72
CA CYS A 246 -7.53 -2.30 3.70
C CYS A 246 -6.17 -1.69 3.40
N PRO A 247 -5.49 -1.19 4.44
CA PRO A 247 -4.20 -0.55 4.27
C PRO A 247 -3.23 -1.65 4.06
N ARG A 248 -2.20 -1.38 3.28
CA ARG A 248 -1.21 -2.40 2.96
C ARG A 248 0.10 -1.82 3.35
N PRO A 249 1.12 -2.69 3.48
CA PRO A 249 2.42 -2.13 3.72
C PRO A 249 2.83 -1.25 2.52
N PRO A 250 3.66 -0.19 2.81
CA PRO A 250 4.14 0.72 1.75
C PRO A 250 5.09 0.02 0.73
N ARG A 251 5.27 0.65 -0.43
CA ARG A 251 6.25 0.15 -1.37
C ARG A 251 7.62 0.32 -0.73
N ALA A 252 8.43 -0.75 -0.78
CA ALA A 252 9.77 -0.79 -0.11
C ALA A 252 10.94 -0.32 -0.97
N LEU A 253 10.90 -0.66 -2.27
CA LEU A 253 11.89 -0.27 -3.30
C LEU A 253 11.26 0.49 -4.49
N GLU A 254 12.11 0.79 -5.47
CA GLU A 254 11.67 1.45 -6.71
C GLU A 254 10.60 0.65 -7.43
N TYR A 255 9.74 1.38 -8.15
CA TYR A 255 8.78 0.77 -9.05
C TYR A 255 9.47 0.58 -10.38
N THR A 256 9.26 -0.61 -10.93
CA THR A 256 9.73 -1.04 -12.26
C THR A 256 8.71 -0.56 -13.28
N ARG A 257 7.57 -1.21 -13.31
CA ARG A 257 6.62 -0.93 -14.33
C ARG A 257 5.30 -0.70 -13.69
N ALA A 258 4.37 -0.19 -14.51
CA ALA A 258 3.01 0.12 -14.12
C ALA A 258 2.19 -1.15 -14.03
N HIS A 259 1.16 -1.10 -13.19
CA HIS A 259 0.15 -2.13 -13.06
C HIS A 259 0.76 -3.45 -12.64
N ARG A 260 2.05 -3.46 -12.30
CA ARG A 260 2.76 -4.65 -11.83
C ARG A 260 3.47 -4.35 -10.56
N THR A 261 3.49 -5.31 -9.67
CA THR A 261 4.24 -5.14 -8.45
C THR A 261 5.77 -5.35 -8.66
N ASN A 262 6.15 -5.84 -9.86
CA ASN A 262 7.54 -6.25 -10.16
C ASN A 262 8.55 -5.21 -9.69
N PHE A 263 9.81 -5.59 -9.59
CA PHE A 263 10.78 -4.82 -8.83
C PHE A 263 12.21 -5.30 -8.98
N LYS A 264 12.39 -6.58 -9.30
CA LYS A 264 13.73 -7.06 -9.65
C LYS A 264 14.24 -6.29 -10.89
N ILE A 265 15.44 -5.73 -10.76
CA ILE A 265 16.01 -4.82 -11.79
C ILE A 265 17.22 -5.40 -12.50
N GLU A 266 17.32 -5.11 -13.80
CA GLU A 266 18.46 -5.53 -14.61
C GLU A 266 19.83 -5.36 -13.95
N ASP A 267 20.38 -6.49 -13.51
CA ASP A 267 21.77 -6.62 -13.00
C ASP A 267 22.05 -5.61 -11.92
N ARG A 268 21.22 -5.60 -10.88
CA ARG A 268 21.41 -4.68 -9.76
C ARG A 268 20.79 -5.27 -8.51
N SER A 269 21.39 -4.81 -7.41
CA SER A 269 21.05 -5.24 -6.04
C SER A 269 19.56 -4.99 -5.69
N ILE A 270 19.03 -5.82 -4.78
CA ILE A 270 17.73 -5.63 -4.15
C ILE A 270 17.90 -4.64 -2.96
N GLN A 271 17.82 -3.36 -3.28
CA GLN A 271 18.15 -2.34 -2.30
C GLN A 271 16.91 -1.73 -1.71
N THR A 272 16.77 -1.92 -0.41
CA THR A 272 15.59 -1.56 0.31
C THR A 272 15.59 -0.06 0.62
N ALA A 273 15.88 0.27 1.88
CA ALA A 273 15.82 1.64 2.38
C ALA A 273 16.43 1.51 3.74
N ILE A 274 16.41 0.28 4.27
CA ILE A 274 16.96 -0.03 5.58
C ILE A 274 18.38 0.39 5.45
N VAL A 275 18.87 1.12 6.42
CA VAL A 275 20.28 1.35 6.53
C VAL A 275 20.86 0.23 7.43
N THR A 276 22.04 -0.26 7.02
CA THR A 276 22.72 -1.32 7.76
C THR A 276 23.55 -0.70 8.87
N ARG A 277 23.93 -1.49 9.87
CA ARG A 277 24.82 -0.99 10.94
C ARG A 277 25.94 -2.00 11.24
N PRO A 278 26.90 -1.60 12.10
CA PRO A 278 27.97 -2.50 12.53
C PRO A 278 27.43 -3.63 13.48
N ILE A 279 26.82 -3.20 14.60
CA ILE A 279 26.42 -4.05 15.73
C ILE A 279 25.15 -3.51 16.36
N ILE A 280 24.25 -4.42 16.62
CA ILE A 280 23.01 -4.10 17.32
C ILE A 280 23.19 -3.44 18.72
N THR A 281 24.29 -3.69 19.40
CA THR A 281 24.40 -3.09 20.73
C THR A 281 24.91 -1.71 20.64
N THR A 282 24.55 -1.01 19.54
CA THR A 282 24.92 0.40 19.26
C THR A 282 24.29 0.95 17.97
N ALA A 283 23.33 1.88 18.09
CA ALA A 283 22.72 2.57 16.88
C ALA A 283 23.20 4.00 16.62
N ARG B 12 -9.21 -19.81 27.18
CA ARG B 12 -8.02 -20.07 26.37
C ARG B 12 -8.17 -21.34 25.51
N ILE B 13 -9.43 -21.69 25.16
CA ILE B 13 -9.81 -22.93 24.44
C ILE B 13 -10.51 -22.60 23.14
N ILE B 14 -11.37 -23.46 22.61
CA ILE B 14 -12.10 -23.15 21.34
C ILE B 14 -12.71 -24.36 20.59
N GLN B 15 -13.97 -24.17 20.17
CA GLN B 15 -14.73 -25.16 19.36
C GLN B 15 -15.53 -24.49 18.25
N ILE B 16 -15.11 -24.77 17.03
CA ILE B 16 -15.70 -24.11 15.91
C ILE B 16 -16.46 -25.18 15.16
N THR B 17 -17.71 -24.87 14.91
CA THR B 17 -18.56 -25.74 14.15
C THR B 17 -19.06 -25.09 12.81
N ARG B 18 -19.01 -25.88 11.73
CA ARG B 18 -19.47 -25.43 10.44
C ARG B 18 -20.00 -26.64 9.68
N GLY B 19 -21.13 -26.48 9.00
CA GLY B 19 -21.80 -27.55 8.27
C GLY B 19 -21.86 -28.76 9.13
N ASP B 20 -21.30 -29.84 8.63
CA ASP B 20 -21.26 -31.11 9.35
C ASP B 20 -19.89 -31.38 9.97
N SER B 21 -19.18 -30.28 10.28
CA SER B 21 -17.75 -30.28 10.73
C SER B 21 -17.41 -29.36 11.89
N THR B 22 -16.58 -29.86 12.77
CA THR B 22 -16.30 -29.19 14.00
C THR B 22 -14.81 -29.25 14.26
N ILE B 23 -14.24 -28.12 14.63
CA ILE B 23 -12.82 -28.07 14.98
C ILE B 23 -12.62 -27.87 16.50
N THR B 24 -11.45 -28.24 17.00
CA THR B 24 -11.09 -27.93 18.37
C THR B 24 -9.67 -27.43 18.40
N SER B 25 -9.29 -26.89 19.54
CA SER B 25 -7.90 -26.62 19.87
C SER B 25 -7.71 -26.37 21.34
N GLN B 26 -7.10 -27.32 22.03
CA GLN B 26 -6.93 -27.25 23.49
C GLN B 26 -6.11 -26.04 23.91
N ASP B 27 -5.62 -25.28 22.93
CA ASP B 27 -4.85 -24.07 23.24
C ASP B 27 -4.64 -23.14 22.01
N VAL B 28 -5.35 -22.00 22.04
CA VAL B 28 -5.30 -20.96 20.98
C VAL B 28 -5.21 -19.53 21.52
N ALA B 29 -4.80 -18.63 20.65
CA ALA B 29 -4.88 -17.23 20.94
C ALA B 29 -6.21 -16.94 20.34
N ASN B 30 -7.07 -16.26 21.09
CA ASN B 30 -8.47 -15.95 20.61
C ASN B 30 -8.61 -15.40 19.14
N ALA B 31 -9.03 -16.30 18.22
CA ALA B 31 -9.13 -16.01 16.80
C ALA B 31 -9.54 -14.57 16.53
N ILE B 32 -9.27 -14.15 15.33
CA ILE B 32 -9.43 -12.77 15.06
C ILE B 32 -10.28 -12.65 13.83
N VAL B 33 -11.11 -11.62 13.84
CA VAL B 33 -12.03 -11.36 12.73
C VAL B 33 -11.47 -10.36 11.71
N ALA B 34 -11.64 -10.75 10.43
CA ALA B 34 -11.19 -9.97 9.27
C ALA B 34 -11.72 -8.57 9.36
N TYR B 35 -10.84 -7.62 9.60
CA TYR B 35 -11.21 -6.20 9.53
C TYR B 35 -12.35 -5.89 10.47
N GLY B 36 -12.74 -6.87 11.25
CA GLY B 36 -13.78 -6.71 12.25
C GLY B 36 -15.21 -6.74 11.72
N VAL B 37 -15.49 -7.56 10.69
CA VAL B 37 -16.83 -7.63 10.07
C VAL B 37 -17.12 -9.12 9.92
N TRP B 38 -18.11 -9.59 10.66
CA TRP B 38 -18.59 -10.94 10.47
C TRP B 38 -19.35 -11.13 9.16
N PRO B 39 -19.01 -12.18 8.40
CA PRO B 39 -19.48 -12.39 7.04
C PRO B 39 -20.99 -12.53 6.98
N HIS B 40 -21.58 -12.29 5.80
CA HIS B 40 -23.02 -12.22 5.65
C HIS B 40 -23.32 -12.37 4.20
N TYR B 41 -24.61 -12.57 3.93
CA TYR B 41 -25.04 -12.66 2.57
C TYR B 41 -25.02 -11.27 1.89
N LEU B 42 -25.32 -11.21 0.59
CA LEU B 42 -25.28 -9.97 -0.19
C LEU B 42 -26.49 -9.01 -0.04
N SER B 43 -26.20 -7.72 0.16
CA SER B 43 -27.23 -6.72 0.47
C SER B 43 -28.16 -6.40 -0.73
N SER B 44 -29.48 -6.43 -0.51
CA SER B 44 -30.44 -6.24 -1.55
C SER B 44 -30.12 -4.94 -2.13
N LYS B 45 -29.47 -4.11 -1.32
CA LYS B 45 -29.10 -2.76 -1.73
C LYS B 45 -27.83 -2.65 -2.60
N ASP B 46 -26.85 -3.48 -2.29
CA ASP B 46 -25.57 -3.54 -3.02
C ASP B 46 -25.62 -4.44 -4.27
N ALA B 47 -26.17 -5.63 -4.12
CA ALA B 47 -26.28 -6.57 -5.27
C ALA B 47 -26.42 -5.89 -6.65
N SER B 48 -25.91 -6.63 -7.63
CA SER B 48 -26.14 -6.27 -8.99
C SER B 48 -26.55 -7.50 -9.77
N ALA B 49 -26.08 -8.67 -9.35
CA ALA B 49 -26.57 -9.93 -9.89
C ALA B 49 -28.10 -9.99 -9.73
N ILE B 50 -28.83 -9.64 -10.79
CA ILE B 50 -30.30 -9.50 -10.73
C ILE B 50 -31.04 -10.85 -10.73
N ASP B 51 -30.32 -11.95 -10.47
CA ASP B 51 -30.97 -13.26 -10.40
C ASP B 51 -30.85 -13.89 -9.04
N LYS B 52 -31.81 -14.75 -8.71
CA LYS B 52 -31.85 -15.47 -7.41
C LYS B 52 -30.58 -16.24 -7.22
N PRO B 53 -29.72 -15.72 -6.35
CA PRO B 53 -28.47 -16.38 -6.02
C PRO B 53 -28.79 -17.72 -5.38
N SER B 54 -27.87 -18.67 -5.48
CA SER B 54 -27.99 -19.98 -4.83
C SER B 54 -27.12 -20.09 -3.59
N GLN B 55 -27.69 -20.58 -2.51
CA GLN B 55 -26.94 -20.67 -1.27
C GLN B 55 -27.02 -22.11 -0.74
N PRO B 56 -25.96 -22.91 -1.05
CA PRO B 56 -25.91 -24.32 -0.77
C PRO B 56 -25.71 -24.59 0.74
N ASP B 57 -25.28 -23.57 1.49
CA ASP B 57 -25.45 -23.66 2.92
C ASP B 57 -24.54 -24.79 3.51
N THR B 58 -25.07 -25.65 4.40
CA THR B 58 -24.31 -26.70 5.14
C THR B 58 -23.41 -27.56 4.28
N SER B 59 -23.82 -27.69 3.02
CA SER B 59 -23.05 -28.45 2.11
C SER B 59 -21.78 -27.71 1.74
N SER B 60 -21.94 -26.44 1.38
CA SER B 60 -20.81 -25.56 1.06
C SER B 60 -20.12 -25.03 2.33
N ASN B 61 -20.86 -24.20 3.07
CA ASN B 61 -20.32 -23.46 4.20
C ASN B 61 -19.85 -24.49 5.22
N ARG B 62 -18.95 -25.39 4.83
CA ARG B 62 -18.42 -26.42 5.75
C ARG B 62 -16.92 -26.36 5.75
N PHE B 63 -16.32 -27.17 6.60
CA PHE B 63 -14.86 -27.19 6.77
C PHE B 63 -14.19 -28.08 5.77
N TYR B 64 -13.16 -27.55 5.19
CA TYR B 64 -12.46 -28.25 4.15
C TYR B 64 -11.03 -28.25 4.52
N THR B 65 -10.49 -29.45 4.77
CA THR B 65 -9.07 -29.60 5.21
C THR B 65 -8.16 -29.81 4.01
N LEU B 66 -7.02 -29.10 4.02
CA LEU B 66 -6.14 -28.98 2.86
C LEU B 66 -5.23 -30.16 2.62
N ARG B 67 -4.02 -29.79 2.24
CA ARG B 67 -2.92 -30.71 2.12
C ARG B 67 -1.77 -30.16 3.00
N SER B 68 -1.56 -30.85 4.14
CA SER B 68 -0.52 -30.55 5.13
C SER B 68 0.79 -30.41 4.39
N VAL B 69 1.42 -29.25 4.59
CA VAL B 69 2.83 -28.96 4.18
C VAL B 69 3.86 -29.08 5.36
N THR B 70 5.11 -29.34 5.02
CA THR B 70 6.03 -29.78 6.03
C THR B 70 6.96 -28.63 6.34
N TRP B 71 6.97 -28.25 7.59
CA TRP B 71 7.85 -27.25 8.09
C TRP B 71 9.15 -27.92 8.66
N SER B 72 10.32 -27.37 8.32
CA SER B 72 11.65 -27.77 8.85
C SER B 72 12.56 -26.61 9.20
N SER B 73 13.71 -26.89 9.72
CA SER B 73 14.53 -25.83 10.22
C SER B 73 14.95 -24.99 9.05
N SER B 74 14.61 -25.47 7.84
CA SER B 74 15.05 -24.80 6.56
C SER B 74 13.92 -24.10 5.75
N SER B 75 12.66 -24.29 6.16
CA SER B 75 11.50 -23.83 5.41
C SER B 75 11.46 -22.35 5.56
N LYS B 76 11.08 -21.74 4.44
CA LYS B 76 11.12 -20.27 4.35
C LYS B 76 9.75 -19.62 4.14
N GLY B 77 8.77 -20.39 3.65
CA GLY B 77 7.37 -19.86 3.53
C GLY B 77 6.44 -20.54 2.56
N TRP B 78 5.15 -20.34 2.74
CA TRP B 78 4.20 -20.89 1.82
C TRP B 78 3.07 -19.91 1.75
N TRP B 79 2.25 -20.04 0.71
CA TRP B 79 0.99 -19.32 0.61
C TRP B 79 0.01 -20.05 -0.26
N TRP B 80 -1.29 -19.79 -0.06
CA TRP B 80 -2.36 -20.21 -1.00
C TRP B 80 -3.25 -19.01 -1.23
N LYS B 81 -3.99 -19.02 -2.36
CA LYS B 81 -4.91 -17.91 -2.70
C LYS B 81 -6.36 -18.33 -2.65
N LEU B 82 -7.20 -17.40 -2.21
CA LEU B 82 -8.61 -17.71 -2.08
C LEU B 82 -9.38 -16.83 -3.02
N PRO B 83 -10.38 -17.35 -3.71
CA PRO B 83 -10.75 -18.76 -3.58
C PRO B 83 -9.72 -19.69 -4.22
N ASP B 84 -10.12 -20.37 -5.29
CA ASP B 84 -9.22 -21.28 -5.99
C ASP B 84 -8.87 -22.49 -5.12
N ALA B 85 -7.88 -22.34 -4.27
CA ALA B 85 -7.46 -23.42 -3.38
C ALA B 85 -8.51 -24.52 -3.32
N LEU B 86 -9.68 -24.19 -2.80
CA LEU B 86 -10.77 -25.14 -2.69
C LEU B 86 -11.58 -25.23 -3.97
N LYS B 87 -10.89 -25.38 -5.09
CA LYS B 87 -11.54 -25.48 -6.39
C LYS B 87 -12.00 -26.91 -6.67
N ASP B 88 -11.51 -27.85 -5.87
CA ASP B 88 -11.88 -29.26 -6.03
C ASP B 88 -12.75 -29.81 -4.90
N MET B 89 -13.06 -28.95 -3.93
CA MET B 89 -13.65 -29.36 -2.65
C MET B 89 -15.15 -29.36 -2.75
N GLY B 90 -15.71 -30.53 -2.87
CA GLY B 90 -17.15 -30.66 -2.97
C GLY B 90 -17.92 -29.58 -3.73
N ILE B 91 -19.21 -29.52 -3.41
CA ILE B 91 -20.17 -28.64 -4.05
C ILE B 91 -19.53 -27.30 -4.20
N PHE B 92 -18.90 -26.86 -3.15
CA PHE B 92 -18.30 -25.58 -3.25
C PHE B 92 -17.56 -25.51 -4.59
N GLY B 93 -16.57 -26.36 -4.77
CA GLY B 93 -15.75 -26.29 -5.96
C GLY B 93 -16.69 -26.31 -7.11
N GLU B 94 -17.51 -27.33 -7.17
CA GLU B 94 -18.42 -27.51 -8.28
C GLU B 94 -19.19 -26.24 -8.56
N ASN B 95 -20.08 -25.86 -7.64
CA ASN B 95 -20.82 -24.60 -7.73
C ASN B 95 -19.94 -23.43 -8.21
N MET B 96 -18.66 -23.51 -7.90
CA MET B 96 -17.71 -22.45 -8.21
C MET B 96 -17.60 -22.24 -9.72
N PHE B 97 -17.39 -23.32 -10.46
CA PHE B 97 -17.16 -23.25 -11.90
C PHE B 97 -18.49 -23.11 -12.64
N TYR B 98 -19.47 -23.95 -12.27
CA TYR B 98 -20.87 -23.92 -12.83
C TYR B 98 -21.54 -22.53 -12.85
N HIS B 99 -21.08 -21.64 -11.97
CA HIS B 99 -21.54 -20.28 -11.91
C HIS B 99 -20.42 -19.36 -12.33
N TYR B 100 -20.77 -18.34 -13.08
CA TYR B 100 -19.86 -17.27 -13.37
C TYR B 100 -19.40 -16.61 -12.06
N LEU B 101 -20.35 -16.13 -11.29
CA LEU B 101 -20.07 -15.29 -10.18
C LEU B 101 -20.25 -16.01 -8.88
N GLY B 102 -19.49 -15.59 -7.89
CA GLY B 102 -19.63 -16.14 -6.56
C GLY B 102 -19.11 -15.18 -5.49
N ARG B 103 -19.57 -15.39 -4.27
CA ARG B 103 -19.14 -14.55 -3.16
C ARG B 103 -19.11 -15.42 -1.94
N SER B 104 -18.10 -15.19 -1.11
CA SER B 104 -18.12 -15.75 0.21
C SER B 104 -16.98 -15.24 1.07
N GLY B 105 -17.16 -15.36 2.40
CA GLY B 105 -16.08 -15.22 3.37
C GLY B 105 -15.75 -16.58 3.95
N TYR B 106 -14.59 -16.70 4.58
CA TYR B 106 -14.24 -18.01 5.11
C TYR B 106 -13.73 -17.98 6.56
N THR B 107 -13.73 -19.17 7.18
CA THR B 107 -13.07 -19.38 8.42
C THR B 107 -11.82 -20.17 8.13
N ILE B 108 -10.68 -19.60 8.46
CA ILE B 108 -9.36 -20.15 8.19
C ILE B 108 -8.85 -20.62 9.53
N HIS B 109 -8.68 -21.91 9.63
CA HIS B 109 -8.05 -22.40 10.79
C HIS B 109 -6.76 -23.11 10.46
N VAL B 110 -5.67 -22.47 10.81
CA VAL B 110 -4.34 -23.04 10.65
C VAL B 110 -3.88 -23.74 11.97
N GLN B 111 -3.67 -25.04 11.91
CA GLN B 111 -3.27 -25.76 13.08
C GLN B 111 -1.89 -26.35 12.93
N CYS B 112 -1.15 -26.38 14.02
CA CYS B 112 0.13 -26.99 13.98
C CYS B 112 0.66 -27.31 15.37
N ASN B 113 0.54 -28.55 15.83
CA ASN B 113 1.04 -28.91 17.16
C ASN B 113 2.51 -29.16 17.12
N ALA B 114 3.10 -29.22 18.30
CA ALA B 114 4.52 -29.56 18.46
C ALA B 114 4.77 -30.16 19.83
N SER B 115 5.53 -29.47 20.67
CA SER B 115 5.75 -29.86 22.08
C SER B 115 6.37 -28.74 22.90
N LYS B 116 6.24 -28.86 24.22
CA LYS B 116 6.89 -27.96 25.14
C LYS B 116 8.38 -27.89 24.88
N PHE B 117 8.91 -28.87 24.14
CA PHE B 117 10.34 -28.95 23.84
C PHE B 117 10.78 -28.55 22.45
N HIS B 118 10.04 -27.60 21.86
CA HIS B 118 10.40 -27.00 20.59
C HIS B 118 10.24 -25.50 20.69
N GLN B 119 10.73 -24.80 19.69
CA GLN B 119 10.57 -23.37 19.60
C GLN B 119 10.42 -22.99 18.14
N GLY B 120 9.66 -21.95 17.89
CA GLY B 120 9.53 -21.50 16.51
C GLY B 120 8.29 -20.67 16.38
N THR B 121 8.23 -19.83 15.32
CA THR B 121 7.12 -18.87 15.16
C THR B 121 6.69 -18.61 13.72
N LEU B 122 5.39 -18.67 13.50
CA LEU B 122 4.86 -18.50 12.20
C LEU B 122 3.91 -17.35 12.19
N ILE B 123 4.03 -16.58 11.12
CA ILE B 123 3.13 -15.49 10.86
C ILE B 123 2.03 -16.02 9.98
N VAL B 124 0.82 -16.04 10.51
CA VAL B 124 -0.28 -16.39 9.68
C VAL B 124 -1.05 -15.14 9.34
N ALA B 125 -1.16 -14.83 8.04
CA ALA B 125 -1.71 -13.56 7.54
C ALA B 125 -2.50 -13.77 6.27
N LEU B 126 -3.69 -13.18 6.28
CA LEU B 126 -4.64 -13.28 5.16
C LEU B 126 -4.56 -12.00 4.41
N ILE B 127 -4.35 -12.09 3.12
CA ILE B 127 -4.21 -10.88 2.40
C ILE B 127 -5.26 -10.78 1.36
N PRO B 128 -5.83 -9.56 1.21
CA PRO B 128 -6.75 -9.13 0.15
C PRO B 128 -6.05 -8.74 -1.16
N GLU B 129 -6.68 -8.95 -2.31
CA GLU B 129 -6.09 -8.54 -3.59
C GLU B 129 -4.58 -8.60 -3.49
N HIS B 130 -4.07 -9.79 -3.19
CA HIS B 130 -2.64 -9.98 -3.01
C HIS B 130 -1.88 -10.16 -4.33
N GLN B 131 -1.42 -9.03 -4.87
CA GLN B 131 -0.77 -9.06 -6.14
C GLN B 131 0.70 -9.25 -5.95
N ILE B 132 1.17 -10.46 -6.27
CA ILE B 132 2.58 -10.79 -6.17
C ILE B 132 3.31 -10.22 -7.34
N ALA B 133 4.61 -10.34 -7.34
CA ALA B 133 5.44 -9.82 -8.42
C ALA B 133 6.37 -10.86 -9.01
N SER B 134 6.25 -11.11 -10.33
CA SER B 134 7.16 -12.02 -11.03
C SER B 134 8.62 -11.64 -10.75
N ALA B 135 9.49 -12.64 -10.68
CA ALA B 135 10.83 -12.40 -10.18
C ALA B 135 11.82 -11.86 -11.23
N LEU B 136 11.43 -10.95 -12.10
CA LEU B 136 12.27 -10.66 -13.25
C LEU B 136 12.27 -9.23 -13.71
N HIS B 137 13.29 -8.92 -14.51
CA HIS B 137 13.65 -7.57 -14.98
C HIS B 137 13.04 -7.33 -16.33
N GLY B 138 12.13 -6.36 -16.36
CA GLY B 138 11.39 -5.98 -17.60
C GLY B 138 10.03 -6.64 -17.86
N ASN B 139 9.52 -6.56 -19.10
CA ASN B 139 8.17 -7.11 -19.43
C ASN B 139 7.93 -8.64 -19.26
N VAL B 140 7.91 -9.06 -18.01
CA VAL B 140 7.36 -10.33 -17.71
C VAL B 140 6.13 -10.12 -16.84
N ASN B 141 5.23 -11.09 -16.87
CA ASN B 141 4.16 -11.06 -15.92
C ASN B 141 4.16 -12.34 -15.13
N VAL B 142 3.05 -12.63 -14.46
CA VAL B 142 2.88 -13.93 -13.79
C VAL B 142 1.88 -14.79 -14.60
N GLY B 143 2.09 -16.10 -14.56
CA GLY B 143 1.35 -17.04 -15.35
C GLY B 143 0.19 -17.56 -14.56
N TYR B 144 -0.99 -17.40 -15.12
CA TYR B 144 -2.19 -17.86 -14.47
C TYR B 144 -1.88 -19.11 -13.65
N ASN B 145 -1.37 -20.14 -14.32
CA ASN B 145 -1.23 -21.45 -13.72
C ASN B 145 -0.55 -21.39 -12.38
N TYR B 146 0.32 -20.38 -12.20
CA TYR B 146 1.27 -20.27 -11.05
C TYR B 146 0.69 -19.60 -9.83
N THR B 147 -0.22 -18.69 -10.04
CA THR B 147 -1.04 -18.21 -8.96
C THR B 147 -2.35 -18.99 -8.87
N HIS B 148 -2.37 -20.24 -9.37
CA HIS B 148 -3.52 -21.08 -9.18
C HIS B 148 -3.11 -22.48 -8.85
N PRO B 149 -2.37 -22.65 -7.69
CA PRO B 149 -1.80 -23.94 -7.27
C PRO B 149 -2.84 -25.02 -6.79
N GLY B 150 -3.96 -24.55 -6.21
CA GLY B 150 -4.94 -25.44 -5.66
C GLY B 150 -4.55 -25.68 -4.24
N GLU B 151 -4.91 -26.85 -3.72
CA GLU B 151 -4.71 -27.18 -2.27
C GLU B 151 -3.28 -27.31 -1.82
N THR B 152 -2.40 -27.54 -2.78
CA THR B 152 -1.01 -27.78 -2.52
C THR B 152 -0.28 -26.52 -2.05
N GLY B 153 -0.72 -25.41 -2.63
CA GLY B 153 -0.11 -24.08 -2.49
C GLY B 153 1.29 -23.96 -3.10
N ARG B 154 1.86 -22.77 -2.91
CA ARG B 154 3.23 -22.52 -3.33
C ARG B 154 4.17 -22.72 -2.17
N GLU B 155 5.21 -23.46 -2.44
CA GLU B 155 6.26 -23.43 -1.51
C GLU B 155 7.31 -22.39 -1.97
N VAL B 156 8.08 -21.91 -1.00
CA VAL B 156 9.24 -21.06 -1.25
C VAL B 156 10.46 -21.94 -1.60
N LYS B 157 10.48 -22.38 -2.86
CA LYS B 157 11.54 -23.21 -3.40
C LYS B 157 12.49 -22.36 -4.20
N ALA B 158 13.75 -22.29 -3.78
CA ALA B 158 14.75 -21.41 -4.44
C ALA B 158 15.68 -22.14 -5.42
N GLU B 159 15.14 -22.67 -6.50
CA GLU B 159 15.90 -23.60 -7.29
C GLU B 159 15.31 -23.73 -8.68
N THR B 160 15.33 -22.65 -9.46
CA THR B 160 15.04 -22.77 -10.90
C THR B 160 13.63 -23.39 -11.22
N ARG B 161 12.88 -22.68 -12.05
CA ARG B 161 11.55 -23.13 -12.44
C ARG B 161 11.44 -23.29 -13.96
N LEU B 162 10.48 -24.10 -14.39
CA LEU B 162 10.27 -24.34 -15.82
C LEU B 162 9.49 -23.19 -16.46
N ASN B 163 10.17 -22.07 -16.68
CA ASN B 163 9.54 -20.90 -17.29
C ASN B 163 9.64 -19.66 -16.40
N PRO B 164 10.80 -19.50 -15.76
CA PRO B 164 11.02 -18.35 -14.87
C PRO B 164 10.54 -17.05 -15.50
N ASP B 165 10.10 -17.11 -16.75
CA ASP B 165 9.60 -15.94 -17.45
C ASP B 165 8.24 -15.49 -16.92
N LEU B 166 7.57 -16.41 -16.22
CA LEU B 166 6.25 -16.12 -15.66
C LEU B 166 6.18 -16.55 -14.19
N GLN B 167 7.34 -16.68 -13.55
CA GLN B 167 7.40 -17.07 -12.17
C GLN B 167 7.28 -15.89 -11.29
N PRO B 168 6.42 -16.02 -10.31
CA PRO B 168 6.39 -15.11 -9.22
C PRO B 168 7.75 -15.12 -8.49
N THR B 169 8.12 -13.98 -7.92
CA THR B 169 9.27 -13.90 -7.08
C THR B 169 9.16 -15.00 -6.03
N GLU B 170 10.29 -15.62 -5.73
CA GLU B 170 10.41 -16.51 -4.58
C GLU B 170 10.98 -15.73 -3.37
N GLU B 171 10.79 -14.41 -3.34
CA GLU B 171 11.32 -13.56 -2.25
C GLU B 171 10.29 -13.27 -1.16
N TYR B 172 10.10 -14.25 -0.27
CA TYR B 172 9.23 -14.14 0.92
C TYR B 172 9.39 -12.81 1.73
N TRP B 173 10.49 -12.68 2.47
CA TRP B 173 10.73 -11.48 3.25
C TRP B 173 10.31 -10.13 2.55
N LEU B 174 10.10 -10.14 1.23
CA LEU B 174 9.58 -8.98 0.54
C LEU B 174 8.12 -9.10 0.30
N ASN B 175 7.50 -9.93 1.12
CA ASN B 175 6.07 -10.24 1.06
C ASN B 175 5.62 -10.57 -0.32
N PHE B 176 6.58 -10.74 -1.22
CA PHE B 176 6.30 -11.17 -2.60
C PHE B 176 5.83 -10.06 -3.55
N ASP B 177 5.96 -8.83 -3.13
CA ASP B 177 5.29 -7.76 -3.81
C ASP B 177 5.93 -6.39 -3.57
N GLY B 178 7.13 -6.40 -3.01
CA GLY B 178 7.86 -5.16 -2.80
C GLY B 178 7.37 -4.37 -1.61
N THR B 179 7.00 -5.15 -0.59
CA THR B 179 6.66 -4.62 0.70
C THR B 179 7.45 -5.44 1.69
N LEU B 180 7.83 -4.82 2.80
CA LEU B 180 8.67 -5.50 3.73
C LEU B 180 7.80 -6.41 4.64
N LEU B 181 8.16 -7.69 4.72
CA LEU B 181 7.74 -8.52 5.86
C LEU B 181 8.03 -7.81 7.19
N GLY B 182 7.10 -7.85 8.13
CA GLY B 182 7.26 -7.04 9.35
C GLY B 182 6.38 -5.80 9.39
N ASN B 183 6.14 -5.20 8.22
CA ASN B 183 5.00 -4.33 7.96
C ASN B 183 3.87 -5.17 7.29
N ILE B 184 3.88 -6.45 7.59
CA ILE B 184 2.87 -7.37 7.14
C ILE B 184 1.67 -7.36 8.10
N THR B 185 1.92 -7.01 9.37
CA THR B 185 0.90 -7.13 10.39
C THR B 185 -0.25 -6.23 10.07
N ILE B 186 -0.02 -5.25 9.21
CA ILE B 186 -1.11 -4.38 8.76
C ILE B 186 -2.28 -5.14 8.15
N PHE B 187 -2.12 -6.45 8.01
CA PHE B 187 -3.20 -7.31 7.53
C PHE B 187 -3.77 -8.15 8.67
N PRO B 188 -4.97 -8.73 8.47
CA PRO B 188 -5.50 -9.73 9.36
C PRO B 188 -4.45 -10.84 9.55
N HIS B 189 -4.02 -11.05 10.79
CA HIS B 189 -2.92 -11.95 11.07
C HIS B 189 -2.97 -12.51 12.50
N GLN B 190 -2.36 -13.70 12.68
CA GLN B 190 -2.01 -14.18 14.02
C GLN B 190 -0.66 -14.79 13.97
N PHE B 191 -0.18 -15.21 15.13
CA PHE B 191 1.11 -15.86 15.19
C PHE B 191 0.99 -17.18 15.86
N ILE B 192 1.57 -18.19 15.25
CA ILE B 192 1.68 -19.41 15.95
C ILE B 192 3.05 -19.56 16.55
N ASN B 193 3.12 -19.50 17.87
CA ASN B 193 4.38 -19.56 18.56
C ASN B 193 4.49 -20.80 19.43
N LEU B 194 4.41 -21.98 18.80
CA LEU B 194 4.71 -23.30 19.46
C LEU B 194 4.83 -23.34 20.99
N ARG B 195 5.71 -22.53 21.55
CA ARG B 195 5.82 -22.31 22.98
C ARG B 195 4.55 -21.73 23.67
N SER B 196 3.66 -21.07 22.91
CA SER B 196 2.41 -20.52 23.45
C SER B 196 1.15 -21.12 22.89
N ASN B 197 0.82 -20.81 21.67
CA ASN B 197 -0.32 -21.44 21.05
C ASN B 197 0.08 -22.65 20.15
N ASN B 198 -0.94 -23.33 19.62
CA ASN B 198 -0.72 -24.44 18.71
C ASN B 198 -1.64 -24.40 17.41
N SER B 199 -2.37 -23.31 17.25
CA SER B 199 -3.17 -23.11 16.08
C SER B 199 -3.70 -21.68 16.04
N ALA B 200 -3.94 -21.20 14.83
CA ALA B 200 -4.49 -19.87 14.63
C ALA B 200 -5.80 -19.92 13.89
N THR B 201 -6.56 -18.86 13.98
CA THR B 201 -7.85 -18.87 13.34
C THR B 201 -8.26 -17.48 12.87
N ILE B 202 -8.93 -17.41 11.73
CA ILE B 202 -9.36 -16.13 11.19
C ILE B 202 -10.66 -16.28 10.42
N ILE B 203 -11.58 -15.33 10.59
CA ILE B 203 -12.88 -15.33 9.90
C ILE B 203 -12.96 -14.15 9.03
N ALA B 204 -13.25 -14.38 7.76
CA ALA B 204 -13.12 -13.32 6.77
C ALA B 204 -14.37 -13.09 5.99
N PRO B 205 -14.81 -11.86 5.98
CA PRO B 205 -15.99 -11.51 5.23
C PRO B 205 -15.57 -11.38 3.80
N TYR B 206 -16.54 -11.19 2.93
CA TYR B 206 -16.24 -10.92 1.53
C TYR B 206 -15.62 -9.54 1.44
N VAL B 207 -14.43 -9.46 0.85
CA VAL B 207 -13.83 -8.20 0.61
C VAL B 207 -13.37 -8.08 -0.79
N ASN B 208 -13.82 -6.99 -1.41
CA ASN B 208 -13.67 -6.71 -2.81
C ASN B 208 -14.64 -5.63 -3.22
N ALA B 209 -14.24 -4.80 -4.18
CA ALA B 209 -15.00 -3.58 -4.59
C ALA B 209 -16.27 -3.81 -5.44
N VAL B 210 -16.76 -5.05 -5.49
CA VAL B 210 -18.05 -5.38 -6.14
C VAL B 210 -18.76 -6.55 -5.42
N PRO B 211 -20.10 -6.60 -5.56
CA PRO B 211 -20.95 -7.60 -4.95
C PRO B 211 -20.35 -8.99 -5.01
N MET B 212 -20.09 -9.48 -6.21
CA MET B 212 -19.50 -10.77 -6.41
C MET B 212 -18.54 -10.68 -7.55
N ASP B 213 -17.66 -11.65 -7.67
CA ASP B 213 -16.66 -11.63 -8.72
C ASP B 213 -16.48 -13.04 -9.19
N SER B 214 -15.81 -13.16 -10.34
CA SER B 214 -15.56 -14.45 -10.95
C SER B 214 -14.71 -15.30 -9.99
N MET B 215 -15.26 -16.48 -9.56
CA MET B 215 -14.55 -17.48 -8.73
C MET B 215 -13.17 -17.97 -9.27
N ARG B 216 -13.10 -18.09 -10.60
CA ARG B 216 -11.92 -18.45 -11.39
C ARG B 216 -10.93 -17.28 -11.64
N SER B 217 -11.37 -16.18 -12.27
CA SER B 217 -10.49 -15.16 -12.88
C SER B 217 -9.72 -14.42 -11.84
N HIS B 218 -10.12 -14.57 -10.57
CA HIS B 218 -9.63 -13.70 -9.51
C HIS B 218 -9.68 -14.34 -8.11
N ASN B 219 -8.61 -14.18 -7.36
CA ASN B 219 -8.59 -14.57 -5.92
C ASN B 219 -8.68 -13.43 -4.88
N ASN B 220 -9.91 -13.16 -4.40
CA ASN B 220 -10.16 -12.12 -3.40
C ASN B 220 -9.08 -12.11 -2.29
N TRP B 221 -8.62 -13.30 -1.92
CA TRP B 221 -7.74 -13.44 -0.80
C TRP B 221 -6.42 -14.06 -1.16
N SER B 222 -5.80 -14.61 -0.13
CA SER B 222 -4.39 -14.99 -0.19
C SER B 222 -3.85 -15.15 1.21
N LEU B 223 -3.80 -16.39 1.64
CA LEU B 223 -3.21 -16.66 2.89
C LEU B 223 -1.71 -16.74 2.70
N VAL B 224 -0.99 -16.35 3.74
CA VAL B 224 0.47 -16.41 3.74
C VAL B 224 1.05 -16.88 5.07
N ILE B 225 1.95 -17.86 5.06
CA ILE B 225 2.60 -18.25 6.30
C ILE B 225 4.09 -18.10 6.12
N ILE B 226 4.74 -17.68 7.17
CA ILE B 226 6.17 -17.54 7.17
C ILE B 226 6.83 -17.83 8.57
N PRO B 227 7.77 -18.80 8.59
CA PRO B 227 8.63 -19.05 9.72
C PRO B 227 9.51 -17.85 9.91
N ILE B 228 8.96 -16.91 10.66
CA ILE B 228 9.72 -15.77 11.16
C ILE B 228 10.81 -16.25 12.11
N CYS B 229 10.47 -17.34 12.79
CA CYS B 229 11.32 -17.91 13.82
C CYS B 229 11.48 -19.40 13.63
N PRO B 230 12.69 -19.82 13.19
CA PRO B 230 13.07 -21.14 12.67
C PRO B 230 12.75 -22.18 13.64
N LEU B 231 12.33 -23.32 13.13
CA LEU B 231 11.88 -24.41 13.95
C LEU B 231 13.10 -25.08 14.54
N GLU B 232 13.45 -24.71 15.77
CA GLU B 232 14.60 -25.31 16.45
C GLU B 232 14.11 -26.38 17.43
N THR B 233 14.92 -27.42 17.64
CA THR B 233 14.57 -28.48 18.62
C THR B 233 15.71 -29.43 18.92
N SER B 234 15.71 -29.97 20.14
CA SER B 234 16.62 -31.06 20.44
C SER B 234 15.86 -32.39 20.35
N SER B 235 14.56 -32.32 20.10
CA SER B 235 13.73 -33.52 19.95
C SER B 235 13.95 -34.31 18.65
N ALA B 236 13.48 -35.55 18.71
CA ALA B 236 13.67 -36.53 17.66
C ALA B 236 13.00 -36.05 16.42
N ILE B 237 11.74 -35.62 16.55
CA ILE B 237 11.05 -35.01 15.43
C ILE B 237 11.50 -33.57 15.31
N ASN B 238 12.21 -33.29 14.20
CA ASN B 238 12.66 -31.93 13.85
C ASN B 238 11.97 -31.34 12.59
N THR B 239 10.89 -32.00 12.20
CA THR B 239 10.07 -31.61 11.08
C THR B 239 8.65 -31.88 11.48
N ILE B 240 7.88 -30.82 11.65
CA ILE B 240 6.46 -30.96 11.95
C ILE B 240 5.57 -30.48 10.78
N PRO B 241 4.32 -30.97 10.69
CA PRO B 241 3.46 -30.59 9.59
C PRO B 241 2.56 -29.46 10.00
N ILE B 242 2.13 -28.73 9.02
CA ILE B 242 1.23 -27.64 9.23
C ILE B 242 -0.01 -27.94 8.45
N THR B 243 -1.11 -28.10 9.15
CA THR B 243 -2.31 -28.39 8.45
C THR B 243 -3.12 -27.15 8.31
N ILE B 244 -3.88 -27.07 7.21
CA ILE B 244 -4.80 -25.97 7.00
C ILE B 244 -6.23 -26.45 6.74
N SER B 245 -7.20 -25.74 7.35
CA SER B 245 -8.58 -26.10 7.25
C SER B 245 -9.29 -24.84 7.09
N ILE B 246 -10.14 -24.84 6.10
CA ILE B 246 -10.92 -23.66 5.75
C ILE B 246 -12.42 -23.91 5.56
N SER B 247 -13.24 -23.08 6.21
CA SER B 247 -14.66 -23.10 5.90
C SER B 247 -15.07 -21.77 5.30
N PRO B 248 -15.66 -21.86 4.12
CA PRO B 248 -16.28 -20.76 3.52
C PRO B 248 -17.57 -20.48 4.27
N MET B 249 -18.01 -19.24 4.25
CA MET B 249 -19.30 -18.90 4.86
C MET B 249 -20.21 -18.06 3.92
N CYS B 250 -21.53 -18.27 4.02
CA CYS B 250 -22.44 -17.49 3.21
C CYS B 250 -22.05 -17.70 1.76
N ALA B 251 -22.17 -18.94 1.30
CA ALA B 251 -21.77 -19.28 -0.05
C ALA B 251 -22.87 -18.90 -0.97
N GLU B 252 -22.49 -18.09 -1.96
CA GLU B 252 -23.41 -17.50 -2.96
C GLU B 252 -22.83 -17.55 -4.37
N PHE B 253 -23.69 -17.99 -5.30
CA PHE B 253 -23.42 -18.06 -6.74
C PHE B 253 -24.57 -17.55 -7.62
N SER B 254 -24.20 -16.78 -8.61
CA SER B 254 -25.14 -16.37 -9.63
C SER B 254 -24.58 -16.74 -10.97
N GLY B 255 -25.36 -16.54 -12.02
CA GLY B 255 -24.90 -16.86 -13.36
C GLY B 255 -24.79 -18.35 -13.50
N ALA B 256 -25.93 -18.99 -13.32
CA ALA B 256 -26.02 -20.44 -13.48
C ALA B 256 -25.93 -20.80 -14.95
N ARG B 257 -24.95 -21.65 -15.22
CA ARG B 257 -24.77 -22.24 -16.53
C ARG B 257 -23.95 -23.57 -16.49
N ALA B 258 -23.31 -23.87 -17.61
CA ALA B 258 -22.49 -25.04 -17.79
C ALA B 258 -21.27 -24.96 -16.88
N LYS B 259 -20.64 -26.10 -16.59
CA LYS B 259 -19.39 -26.14 -15.81
C LYS B 259 -18.11 -25.82 -16.64
N ARG B 260 -17.47 -24.66 -16.45
CA ARG B 260 -16.23 -24.29 -17.21
C ARG B 260 -15.08 -25.20 -16.83
N GLN B 261 -14.09 -25.31 -17.71
CA GLN B 261 -12.92 -26.20 -17.44
C GLN B 261 -11.56 -25.53 -17.48
N GLY C 1 -20.91 45.41 -14.84
CA GLY C 1 -19.73 44.78 -14.29
C GLY C 1 -19.50 45.21 -12.86
N LEU C 2 -19.52 44.26 -11.93
CA LEU C 2 -19.19 44.49 -10.52
C LEU C 2 -17.73 44.93 -10.29
N PRO C 3 -17.53 46.23 -9.94
CA PRO C 3 -16.19 46.73 -9.62
C PRO C 3 -15.45 45.72 -8.71
N VAL C 4 -14.46 45.01 -9.26
CA VAL C 4 -13.69 44.05 -8.52
C VAL C 4 -12.23 44.40 -8.54
N PHE C 5 -11.43 43.62 -7.82
CA PHE C 5 -10.04 44.02 -7.62
C PHE C 5 -9.18 42.80 -7.43
N ILE C 6 -8.12 42.72 -8.25
CA ILE C 6 -7.27 41.53 -8.32
C ILE C 6 -6.21 41.52 -7.26
N THR C 7 -5.95 40.33 -6.75
CA THR C 7 -5.21 40.14 -5.51
C THR C 7 -3.91 39.49 -5.77
N PRO C 8 -2.84 40.12 -5.30
CA PRO C 8 -1.58 39.42 -5.14
C PRO C 8 -1.71 37.89 -4.76
N GLY C 9 -1.19 37.06 -5.67
CA GLY C 9 -1.32 35.62 -5.56
C GLY C 9 -2.08 35.05 -6.72
N SER C 10 -3.16 35.72 -7.09
CA SER C 10 -4.04 35.36 -8.22
C SER C 10 -3.29 34.65 -9.35
N GLY C 11 -4.02 33.89 -10.16
CA GLY C 11 -3.46 33.22 -11.36
C GLY C 11 -2.35 32.19 -11.11
N GLN C 12 -2.09 31.92 -9.83
CA GLN C 12 -1.00 31.06 -9.43
C GLN C 12 -1.56 29.74 -9.10
N PHE C 13 -0.85 28.72 -9.57
CA PHE C 13 -1.18 27.36 -9.20
C PHE C 13 -0.44 26.95 -7.90
N LEU C 14 -1.17 26.31 -6.99
CA LEU C 14 -0.63 25.87 -5.72
C LEU C 14 -1.04 24.45 -5.42
N THR C 15 -0.07 23.54 -5.42
CA THR C 15 -0.37 22.12 -5.28
C THR C 15 -1.24 21.76 -4.09
N THR C 16 -1.44 22.72 -3.18
CA THR C 16 -2.16 22.51 -1.87
C THR C 16 -3.34 23.49 -1.68
N ASP C 17 -3.75 24.03 -2.82
CA ASP C 17 -4.90 24.89 -2.83
C ASP C 17 -6.18 24.12 -2.49
N ASP C 18 -7.31 24.83 -2.51
CA ASP C 18 -8.57 24.21 -2.29
C ASP C 18 -9.70 25.01 -2.90
N PHE C 19 -9.89 24.87 -4.22
CA PHE C 19 -10.91 25.65 -4.89
C PHE C 19 -11.77 24.70 -5.60
N GLN C 20 -12.93 25.20 -5.96
CA GLN C 20 -13.82 24.46 -6.85
C GLN C 20 -13.38 24.62 -8.28
N SER C 21 -13.94 23.72 -9.12
CA SER C 21 -13.52 23.53 -10.52
C SER C 21 -14.56 22.81 -11.38
N PRO C 22 -14.84 23.29 -12.61
CA PRO C 22 -15.98 22.73 -13.32
C PRO C 22 -15.73 21.28 -13.53
N CYS C 23 -16.82 20.53 -13.67
CA CYS C 23 -16.70 19.12 -13.96
C CYS C 23 -16.60 18.88 -15.44
N ALA C 24 -15.75 17.93 -15.82
CA ALA C 24 -15.65 17.47 -17.20
C ALA C 24 -16.76 16.51 -17.59
N LEU C 25 -17.33 15.81 -16.60
CA LEU C 25 -18.42 14.84 -16.87
C LEU C 25 -19.77 15.16 -16.25
N PRO C 26 -20.38 16.30 -16.66
CA PRO C 26 -21.67 16.69 -16.12
C PRO C 26 -22.72 15.56 -16.18
N TRP C 27 -23.61 15.60 -15.19
CA TRP C 27 -24.73 14.74 -15.16
C TRP C 27 -24.22 13.35 -14.96
N TYR C 28 -22.94 13.20 -14.65
CA TYR C 28 -22.46 11.87 -14.35
C TYR C 28 -22.95 11.45 -12.95
N HIS C 29 -23.28 10.18 -12.83
CA HIS C 29 -23.69 9.58 -11.58
C HIS C 29 -22.78 8.39 -11.25
N PRO C 30 -21.76 8.60 -10.40
CA PRO C 30 -20.80 7.61 -10.01
C PRO C 30 -21.44 6.31 -9.46
N THR C 31 -20.84 5.18 -9.77
CA THR C 31 -21.25 3.89 -9.21
C THR C 31 -21.71 4.09 -7.77
N LYS C 32 -22.89 3.63 -7.41
CA LYS C 32 -23.30 3.78 -6.02
C LYS C 32 -22.25 3.12 -5.11
N GLU C 33 -21.92 3.73 -3.97
CA GLU C 33 -20.95 3.10 -3.03
C GLU C 33 -21.50 1.88 -2.31
N ILE C 34 -20.64 1.00 -1.79
CA ILE C 34 -21.13 -0.20 -1.12
C ILE C 34 -20.46 -0.60 0.19
N SER C 35 -21.05 -1.59 0.86
CA SER C 35 -20.52 -2.21 2.09
C SER C 35 -19.18 -2.89 1.87
N ILE C 36 -18.15 -2.29 2.41
CA ILE C 36 -16.79 -2.64 2.09
C ILE C 36 -15.90 -2.66 3.37
N PRO C 37 -15.74 -3.88 3.91
CA PRO C 37 -15.09 -4.16 5.16
C PRO C 37 -13.90 -3.28 5.40
N GLY C 38 -13.69 -2.97 6.65
CA GLY C 38 -12.50 -2.34 7.16
C GLY C 38 -12.03 -1.19 6.34
N GLU C 39 -12.76 -0.11 6.47
CA GLU C 39 -12.35 1.12 5.85
C GLU C 39 -11.23 1.78 6.65
N VAL C 40 -10.91 3.01 6.26
CA VAL C 40 -9.97 3.87 6.91
C VAL C 40 -10.31 5.36 6.67
N LYS C 41 -10.00 6.19 7.67
CA LYS C 41 -10.39 7.65 7.76
C LYS C 41 -9.18 8.60 8.00
N ASN C 42 -8.37 8.21 8.98
CA ASN C 42 -7.23 8.95 9.37
C ASN C 42 -6.03 8.04 9.59
N LEU C 43 -4.96 8.35 8.86
CA LEU C 43 -3.71 7.62 8.95
C LEU C 43 -3.44 7.09 10.35
N VAL C 44 -3.33 7.96 11.33
CA VAL C 44 -3.06 7.52 12.71
C VAL C 44 -3.52 6.11 13.00
N GLU C 45 -4.70 5.81 12.48
CA GLU C 45 -5.27 4.51 12.56
C GLU C 45 -4.18 3.48 12.32
N ILE C 46 -3.29 3.78 11.39
CA ILE C 46 -2.21 2.88 11.02
C ILE C 46 -1.18 2.82 12.11
N CYS C 47 -0.56 3.96 12.31
CA CYS C 47 0.51 4.14 13.25
C CYS C 47 0.17 3.47 14.56
N GLN C 48 -1.11 3.14 14.70
CA GLN C 48 -1.58 2.56 15.92
C GLN C 48 -1.56 1.07 15.81
N VAL C 49 -0.87 0.57 14.81
CA VAL C 49 -0.71 -0.83 14.66
C VAL C 49 0.74 -1.31 14.90
N ASP C 50 0.85 -2.58 15.31
CA ASP C 50 2.15 -3.17 15.57
C ASP C 50 2.78 -3.61 14.26
N SER C 51 3.84 -2.91 13.88
CA SER C 51 4.70 -3.36 12.82
C SER C 51 5.94 -3.94 13.44
N LEU C 52 6.55 -4.92 12.78
CA LEU C 52 7.81 -5.51 13.25
C LEU C 52 9.04 -4.65 13.01
N VAL C 53 9.85 -4.53 14.06
CA VAL C 53 11.05 -3.72 13.98
C VAL C 53 12.21 -4.54 13.39
N PRO C 54 12.84 -4.02 12.30
CA PRO C 54 14.02 -4.66 11.79
C PRO C 54 15.19 -4.44 12.76
N ILE C 55 15.10 -4.94 14.00
CA ILE C 55 16.18 -4.74 15.07
C ILE C 55 17.62 -5.17 14.64
N ASN C 56 17.72 -6.34 14.04
CA ASN C 56 19.00 -6.86 13.65
C ASN C 56 19.34 -6.57 12.18
N ASN C 57 19.86 -5.35 11.93
CA ASN C 57 20.19 -4.85 10.53
C ASN C 57 21.67 -4.83 10.14
N THR C 58 22.48 -5.70 10.77
CA THR C 58 23.86 -5.94 10.36
C THR C 58 23.80 -6.37 8.91
N ASP C 59 24.88 -6.07 8.20
CA ASP C 59 25.07 -6.49 6.81
C ASP C 59 24.81 -7.98 6.69
N THR C 60 24.83 -8.61 7.86
CA THR C 60 24.73 -10.07 8.05
C THR C 60 23.29 -10.61 7.76
N TYR C 61 22.28 -10.02 8.39
CA TYR C 61 20.90 -10.55 8.27
C TYR C 61 20.08 -9.77 7.31
N ILE C 62 20.68 -8.65 6.87
CA ILE C 62 20.04 -7.53 6.11
C ILE C 62 18.89 -7.82 5.12
N ASN C 63 18.89 -8.95 4.42
CA ASN C 63 17.83 -9.25 3.42
C ASN C 63 17.13 -10.63 3.68
N SER C 64 16.95 -10.93 4.96
CA SER C 64 16.25 -12.13 5.39
C SER C 64 15.25 -11.71 6.44
N GLU C 65 14.40 -12.63 6.92
CA GLU C 65 13.67 -12.43 8.19
C GLU C 65 14.59 -12.18 9.44
N ASN C 66 15.73 -12.88 9.49
CA ASN C 66 16.57 -12.88 10.66
C ASN C 66 16.99 -11.52 11.18
N MET C 67 16.72 -10.51 10.41
CA MET C 67 16.96 -9.16 10.86
C MET C 67 15.86 -8.69 11.81
N TYR C 68 14.86 -9.50 12.04
CA TYR C 68 13.66 -9.04 12.76
C TYR C 68 13.63 -9.66 14.09
N SER C 69 14.54 -10.61 14.25
CA SER C 69 14.64 -11.35 15.46
C SER C 69 16.00 -11.07 16.09
N VAL C 70 16.09 -11.32 17.39
CA VAL C 70 17.33 -11.19 18.14
C VAL C 70 17.52 -12.47 18.95
N VAL C 71 18.77 -12.91 19.03
CA VAL C 71 19.03 -14.18 19.62
C VAL C 71 19.69 -14.04 20.99
N LEU C 72 19.28 -14.92 21.89
CA LEU C 72 19.73 -14.90 23.28
C LEU C 72 20.47 -16.16 23.69
N GLN C 73 21.45 -16.01 24.54
CA GLN C 73 22.20 -17.18 24.88
C GLN C 73 21.98 -17.67 26.30
N SER C 74 21.73 -18.98 26.40
CA SER C 74 21.73 -19.74 27.66
C SER C 74 23.14 -19.74 28.29
N SER C 75 24.15 -19.42 27.46
CA SER C 75 25.52 -19.44 27.94
C SER C 75 25.95 -18.11 28.63
N ILE C 76 25.25 -17.00 28.29
CA ILE C 76 25.53 -15.68 28.90
C ILE C 76 25.02 -15.57 30.32
N ASN C 77 25.99 -15.38 31.22
CA ASN C 77 25.73 -15.26 32.65
C ASN C 77 26.14 -13.90 33.25
N ALA C 78 25.58 -12.83 32.70
CA ALA C 78 25.93 -11.49 33.15
C ALA C 78 25.06 -10.34 32.64
N PRO C 79 25.11 -9.19 33.33
CA PRO C 79 24.55 -7.94 32.89
C PRO C 79 25.08 -7.54 31.54
N ASP C 80 24.64 -8.19 30.45
CA ASP C 80 25.11 -7.89 29.11
C ASP C 80 24.05 -7.26 28.29
N LYS C 81 24.42 -6.18 27.59
CA LYS C 81 23.58 -5.57 26.53
C LYS C 81 23.22 -6.54 25.38
N ILE C 82 22.13 -6.28 24.73
CA ILE C 82 21.66 -7.28 23.86
C ILE C 82 21.38 -6.56 22.60
N PHE C 83 21.06 -5.26 22.74
CA PHE C 83 20.80 -4.39 21.59
C PHE C 83 20.16 -3.13 22.10
N SER C 84 20.11 -2.13 21.19
CA SER C 84 19.67 -0.74 21.46
C SER C 84 19.22 -0.08 20.17
N ILE C 85 18.36 0.92 20.25
CA ILE C 85 17.99 1.64 19.04
C ILE C 85 17.56 3.03 19.43
N ARG C 86 17.74 4.00 18.49
CA ARG C 86 17.35 5.41 18.69
C ARG C 86 15.85 5.39 18.76
N THR C 87 15.30 6.45 19.33
CA THR C 87 13.85 6.48 19.55
C THR C 87 13.03 7.15 18.43
N ASP C 88 13.58 8.24 17.88
CA ASP C 88 12.87 9.01 16.88
C ASP C 88 12.21 8.07 15.91
N VAL C 89 10.89 8.16 15.82
CA VAL C 89 10.08 7.22 15.02
C VAL C 89 10.64 6.95 13.66
N ALA C 90 11.24 7.98 13.05
CA ALA C 90 11.84 7.85 11.73
C ALA C 90 13.33 7.71 11.90
N SER C 91 13.74 7.38 13.12
CA SER C 91 15.10 6.89 13.39
C SER C 91 15.31 5.43 12.89
N GLN C 92 16.56 5.10 12.60
CA GLN C 92 16.89 3.76 12.16
C GLN C 92 17.06 2.85 13.39
N PRO C 93 16.48 1.64 13.27
CA PRO C 93 15.70 1.03 12.12
C PRO C 93 14.20 1.21 12.10
N LEU C 94 13.66 1.86 13.11
CA LEU C 94 12.28 2.11 13.21
C LEU C 94 11.79 2.65 11.91
N ALA C 95 12.42 3.72 11.43
CA ALA C 95 11.99 4.42 10.24
C ALA C 95 11.13 3.55 9.30
N THR C 96 11.64 2.37 8.91
CA THR C 96 11.01 1.51 7.88
C THR C 96 9.75 0.79 8.36
N THR C 97 9.51 0.79 9.68
CA THR C 97 8.29 0.19 10.26
C THR C 97 7.07 1.05 9.96
N LEU C 98 5.92 0.42 9.79
CA LEU C 98 4.67 1.14 9.48
C LEU C 98 4.72 2.56 10.01
N ILE C 99 4.66 2.69 11.33
CA ILE C 99 4.64 4.00 11.96
C ILE C 99 5.80 4.86 11.42
N GLY C 100 7.04 4.42 11.61
CA GLY C 100 8.17 5.12 11.09
C GLY C 100 7.89 5.58 9.66
N GLU C 101 7.50 4.66 8.78
CA GLU C 101 7.28 4.98 7.40
C GLU C 101 6.23 6.06 7.27
N ILE C 102 5.10 5.90 7.96
CA ILE C 102 4.05 6.93 7.94
C ILE C 102 4.62 8.28 8.39
N SER C 103 5.12 8.37 9.62
CA SER C 103 5.83 9.55 10.12
C SER C 103 6.70 10.21 9.06
N SER C 104 7.33 9.38 8.26
CA SER C 104 8.25 9.82 7.23
C SER C 104 7.55 10.64 6.17
N TYR C 105 6.33 11.07 6.44
CA TYR C 105 5.48 11.81 5.46
C TYR C 105 5.05 13.07 6.11
N PHE C 106 5.57 13.28 7.32
CA PHE C 106 5.29 14.47 8.05
C PHE C 106 6.56 14.91 8.67
N THR C 107 6.57 16.19 9.03
CA THR C 107 7.77 16.86 9.51
C THR C 107 7.78 16.89 11.00
N HIS C 108 6.59 16.79 11.61
CA HIS C 108 6.46 16.92 13.04
C HIS C 108 5.75 15.74 13.68
N TRP C 109 6.02 15.54 14.96
CA TRP C 109 5.39 14.46 15.67
C TRP C 109 5.53 14.55 17.18
N THR C 110 4.61 13.92 17.87
CA THR C 110 4.61 13.86 19.32
C THR C 110 3.68 12.76 19.85
N GLY C 111 4.06 12.20 21.01
CA GLY C 111 3.32 11.09 21.58
C GLY C 111 4.22 10.05 22.25
N SER C 112 3.60 9.06 22.86
CA SER C 112 4.33 8.00 23.42
C SER C 112 4.27 6.82 22.47
N LEU C 113 5.17 5.88 22.66
CA LEU C 113 5.34 4.75 21.76
C LEU C 113 5.18 3.44 22.50
N ARG C 114 4.68 2.44 21.80
CA ARG C 114 4.35 1.18 22.40
C ARG C 114 5.20 0.08 21.82
N PHE C 115 6.24 -0.27 22.53
CA PHE C 115 7.06 -1.34 22.10
C PHE C 115 6.74 -2.65 22.75
N SER C 116 6.67 -3.68 21.92
CA SER C 116 6.21 -4.93 22.41
C SER C 116 7.28 -5.96 22.08
N PHE C 117 7.49 -6.91 22.98
CA PHE C 117 8.50 -7.96 22.79
C PHE C 117 7.94 -9.35 23.02
N MET C 118 8.31 -10.25 22.12
CA MET C 118 7.84 -11.60 22.15
C MET C 118 8.98 -12.55 22.16
N PHE C 119 8.98 -13.34 23.20
CA PHE C 119 9.90 -14.41 23.39
C PHE C 119 9.39 -15.55 22.50
N CYS C 120 10.28 -16.46 22.10
CA CYS C 120 9.94 -17.53 21.16
C CYS C 120 10.51 -18.90 21.46
N GLY C 121 11.42 -18.92 22.40
CA GLY C 121 12.11 -20.13 22.82
C GLY C 121 11.17 -21.13 23.41
N THR C 122 11.63 -22.36 23.54
CA THR C 122 10.81 -23.42 24.02
C THR C 122 9.98 -22.94 25.19
N ALA C 123 8.86 -23.63 25.41
CA ALA C 123 7.96 -23.34 26.53
C ALA C 123 8.64 -23.46 27.88
N ASN C 124 9.63 -24.36 27.97
CA ASN C 124 10.32 -24.67 29.23
C ASN C 124 11.45 -23.74 29.49
N THR C 125 11.66 -22.82 28.58
CA THR C 125 12.75 -21.88 28.65
C THR C 125 12.34 -20.61 29.40
N THR C 126 13.12 -20.18 30.35
CA THR C 126 12.70 -19.04 31.14
C THR C 126 13.71 -17.98 30.92
N VAL C 127 13.42 -16.81 31.46
CA VAL C 127 14.34 -15.64 31.40
C VAL C 127 13.72 -14.42 32.09
N LYS C 128 14.56 -13.41 32.33
CA LYS C 128 14.11 -12.12 32.80
C LYS C 128 14.99 -11.08 32.16
N LEU C 129 14.39 -10.30 31.22
CA LEU C 129 15.09 -9.21 30.54
C LEU C 129 14.78 -7.90 31.21
N LEU C 130 15.52 -6.89 30.80
CA LEU C 130 15.27 -5.54 31.26
C LEU C 130 15.20 -4.61 30.05
N LEU C 131 14.01 -4.02 29.81
CA LEU C 131 13.73 -3.05 28.73
C LEU C 131 13.75 -1.63 29.23
N ALA C 132 14.68 -0.83 28.71
CA ALA C 132 14.94 0.49 29.29
C ALA C 132 15.01 1.61 28.26
N TYR C 133 14.18 2.62 28.47
CA TYR C 133 14.29 3.76 27.66
C TYR C 133 15.03 4.80 28.49
N THR C 134 16.07 5.40 27.90
CA THR C 134 16.87 6.43 28.51
C THR C 134 16.74 7.80 27.83
N PRO C 135 16.08 8.74 28.52
CA PRO C 135 15.86 10.11 28.12
C PRO C 135 17.06 10.66 27.43
N PRO C 136 16.82 11.43 26.36
CA PRO C 136 17.93 12.09 25.69
C PRO C 136 18.63 13.05 26.66
N GLY C 137 19.55 13.86 26.13
CA GLY C 137 20.30 14.80 26.95
C GLY C 137 21.59 14.20 27.46
N ILE C 138 21.64 12.84 27.43
CA ILE C 138 22.82 12.02 27.72
C ILE C 138 23.07 11.05 26.55
N ALA C 139 24.05 10.17 26.70
CA ALA C 139 24.45 9.26 25.63
C ALA C 139 24.21 7.79 26.05
N GLU C 140 24.08 6.87 25.05
CA GLU C 140 23.79 5.43 25.25
C GLU C 140 24.39 4.90 26.53
N PRO C 141 23.57 4.26 27.34
CA PRO C 141 24.06 3.82 28.60
C PRO C 141 24.97 2.66 28.29
N THR C 142 26.12 2.66 28.93
CA THR C 142 27.10 1.61 28.75
C THR C 142 26.94 0.35 29.66
N THR C 143 26.69 0.57 30.96
CA THR C 143 26.37 -0.48 31.93
C THR C 143 24.82 -0.67 32.09
N ARG C 144 24.42 -1.79 32.70
CA ARG C 144 23.01 -2.00 33.12
C ARG C 144 22.54 -0.98 34.20
N LYS C 145 23.34 -0.81 35.27
CA LYS C 145 23.12 0.29 36.23
C LYS C 145 22.71 1.56 35.48
N ASP C 146 23.66 2.10 34.69
CA ASP C 146 23.50 3.29 33.82
C ASP C 146 22.18 3.32 33.07
N ALA C 147 21.70 2.14 32.66
CA ALA C 147 20.47 2.01 31.88
C ALA C 147 19.26 2.17 32.74
N MET C 148 19.21 1.42 33.83
CA MET C 148 17.99 1.25 34.60
C MET C 148 17.61 2.44 35.47
N LEU C 149 18.50 3.41 35.56
CA LEU C 149 18.15 4.63 36.28
C LEU C 149 17.06 5.44 35.52
N GLY C 150 16.86 5.12 34.24
CA GLY C 150 15.88 5.78 33.45
C GLY C 150 14.64 4.97 33.52
N THR C 151 13.68 5.38 32.72
CA THR C 151 12.41 4.67 32.57
C THR C 151 12.68 3.25 32.11
N HIS C 152 12.25 2.30 32.91
CA HIS C 152 12.36 0.96 32.42
C HIS C 152 11.29 -0.01 32.90
N VAL C 153 11.49 -1.28 32.58
CA VAL C 153 10.48 -2.34 32.72
C VAL C 153 11.20 -3.66 32.79
N ILE C 154 11.14 -4.33 33.94
CA ILE C 154 11.74 -5.68 34.05
C ILE C 154 10.77 -6.70 33.51
N TRP C 155 11.17 -7.43 32.48
CA TRP C 155 10.27 -8.36 31.80
C TRP C 155 10.51 -9.76 32.28
N ASP C 156 9.48 -10.43 32.80
CA ASP C 156 9.62 -11.84 33.14
C ASP C 156 8.89 -12.62 32.13
N VAL C 157 9.62 -13.39 31.33
CA VAL C 157 8.97 -14.36 30.48
C VAL C 157 8.53 -15.58 31.30
N GLY C 158 7.23 -15.91 31.20
CA GLY C 158 6.65 -17.06 31.91
C GLY C 158 5.64 -17.82 31.10
N LEU C 159 4.51 -17.19 30.78
CA LEU C 159 3.47 -17.88 30.07
C LEU C 159 3.00 -17.07 28.90
N GLN C 160 2.70 -15.79 29.18
CA GLN C 160 2.28 -14.81 28.14
C GLN C 160 3.55 -14.36 27.40
N SER C 161 3.60 -14.75 26.12
CA SER C 161 4.78 -14.57 25.32
C SER C 161 5.22 -13.13 25.44
N THR C 162 4.30 -12.21 25.10
CA THR C 162 4.59 -10.76 24.90
C THR C 162 4.70 -9.91 26.20
N ILE C 163 5.19 -8.69 26.03
CA ILE C 163 5.12 -7.70 27.09
C ILE C 163 5.30 -6.38 26.44
N SER C 164 4.23 -5.59 26.42
CA SER C 164 4.32 -4.26 25.81
C SER C 164 4.91 -3.39 26.93
N MET C 165 5.64 -2.34 26.49
CA MET C 165 6.19 -1.33 27.36
C MET C 165 6.23 -0.02 26.57
N VAL C 166 6.25 1.14 27.26
CA VAL C 166 6.03 2.42 26.59
C VAL C 166 7.19 3.33 26.64
N VAL C 167 7.35 4.07 25.56
CA VAL C 167 8.25 5.17 25.50
C VAL C 167 7.45 6.43 25.69
N PRO C 168 7.41 6.97 26.91
CA PRO C 168 6.68 8.17 27.21
C PRO C 168 7.23 9.31 26.35
N TRP C 169 6.39 9.95 25.55
CA TRP C 169 6.78 11.21 24.94
C TRP C 169 7.34 12.09 26.06
N ILE C 170 8.62 12.40 25.96
CA ILE C 170 9.24 13.20 26.97
C ILE C 170 10.14 14.21 26.28
N SER C 171 9.55 15.30 25.80
CA SER C 171 10.29 16.31 25.08
C SER C 171 10.26 17.61 25.76
N ALA C 172 11.33 18.35 25.52
CA ALA C 172 11.40 19.75 25.90
C ALA C 172 10.27 20.50 25.23
N SER C 173 10.10 20.26 23.92
CA SER C 173 9.04 20.88 23.13
C SER C 173 7.87 19.94 22.96
N HIS C 174 6.85 20.47 22.29
CA HIS C 174 5.64 19.74 22.14
C HIS C 174 5.87 18.69 21.07
N TYR C 175 6.09 19.18 19.86
CA TYR C 175 6.36 18.29 18.72
C TYR C 175 7.89 18.13 18.54
N ARG C 176 8.26 17.17 17.70
CA ARG C 176 9.65 16.91 17.35
C ARG C 176 9.78 16.66 15.85
N ASN C 177 11.00 16.82 15.33
CA ASN C 177 11.26 16.64 13.92
C ASN C 177 11.19 15.14 13.54
N THR C 178 10.39 14.77 12.52
CA THR C 178 10.33 13.39 11.99
C THR C 178 11.74 13.03 11.50
N SER C 179 12.39 13.97 10.81
CA SER C 179 13.78 13.87 10.42
C SER C 179 14.66 14.62 11.48
N PRO C 180 15.36 13.83 12.35
CA PRO C 180 16.19 14.42 13.41
C PRO C 180 17.54 14.79 12.90
N GLY C 181 18.12 15.84 13.47
CA GLY C 181 19.51 16.17 13.14
C GLY C 181 20.48 15.32 13.93
N ARG C 182 21.14 16.01 14.85
CA ARG C 182 21.96 15.34 15.81
C ARG C 182 21.18 15.16 17.10
N SER C 183 20.02 15.84 17.17
CA SER C 183 19.08 15.70 18.29
C SER C 183 18.43 14.27 18.36
N THR C 184 18.32 13.73 19.57
CA THR C 184 17.82 12.37 19.78
C THR C 184 16.65 12.35 20.76
N SER C 185 15.92 11.24 20.71
CA SER C 185 14.83 10.95 21.66
C SER C 185 15.24 9.84 22.68
N GLY C 186 16.56 9.71 22.92
CA GLY C 186 17.08 8.67 23.73
C GLY C 186 17.01 7.37 22.96
N TYR C 187 17.23 6.28 23.67
CA TYR C 187 17.38 4.98 23.04
C TYR C 187 16.73 3.88 23.87
N ILE C 188 16.72 2.65 23.35
CA ILE C 188 16.10 1.62 24.11
C ILE C 188 17.04 0.45 24.15
N THR C 189 17.75 0.35 25.26
CA THR C 189 18.72 -0.71 25.43
C THR C 189 17.99 -1.93 25.88
N CYS C 190 18.61 -3.09 25.67
CA CYS C 190 18.06 -4.37 26.18
C CYS C 190 19.09 -5.18 26.95
N TRP C 191 18.76 -5.62 28.19
CA TRP C 191 19.73 -6.23 29.11
C TRP C 191 19.29 -7.59 29.62
N TYR C 192 20.26 -8.39 30.07
CA TYR C 192 19.99 -9.61 30.82
C TYR C 192 19.74 -9.25 32.27
N GLN C 193 18.48 -9.38 32.73
CA GLN C 193 18.13 -9.25 34.16
C GLN C 193 18.58 -10.50 34.94
N THR C 194 18.07 -11.67 34.51
CA THR C 194 18.63 -12.94 34.94
C THR C 194 19.56 -13.56 33.89
N ARG C 195 19.34 -14.84 33.63
CA ARG C 195 20.05 -15.54 32.58
C ARG C 195 19.06 -16.43 31.93
N LEU C 196 18.95 -16.30 30.59
CA LEU C 196 18.15 -17.26 29.79
C LEU C 196 18.47 -18.71 30.28
N VAL C 197 17.48 -19.37 30.85
CA VAL C 197 17.76 -20.66 31.41
C VAL C 197 16.90 -21.78 30.70
N ILE C 198 17.52 -22.93 30.44
CA ILE C 198 16.80 -24.04 29.85
C ILE C 198 17.00 -25.29 30.72
N PRO C 199 16.24 -26.33 30.39
CA PRO C 199 16.51 -27.67 30.92
C PRO C 199 17.60 -28.48 30.12
N PRO C 200 17.78 -29.80 30.47
CA PRO C 200 18.59 -30.67 29.61
C PRO C 200 17.74 -31.00 28.40
N GLN C 201 18.33 -30.97 27.18
CA GLN C 201 17.71 -31.41 25.89
C GLN C 201 17.06 -30.33 25.09
N THR C 202 17.48 -29.09 25.33
CA THR C 202 16.79 -27.90 24.81
C THR C 202 17.66 -26.96 24.02
N PRO C 203 17.12 -26.41 22.88
CA PRO C 203 17.83 -25.31 22.17
C PRO C 203 18.36 -24.25 23.19
N PRO C 204 19.62 -23.81 23.00
CA PRO C 204 20.31 -22.96 23.94
C PRO C 204 20.28 -21.51 23.49
N THR C 205 19.60 -21.27 22.37
CA THR C 205 19.33 -19.95 21.80
C THR C 205 17.82 -19.57 21.78
N ALA C 206 17.55 -18.28 21.76
CA ALA C 206 16.18 -17.83 21.81
C ALA C 206 15.91 -16.56 20.96
N ARG C 207 14.93 -16.72 20.07
CA ARG C 207 14.47 -15.70 19.17
C ARG C 207 13.67 -14.70 19.95
N LEU C 208 13.88 -13.46 19.63
CA LEU C 208 13.14 -12.49 20.35
C LEU C 208 12.74 -11.41 19.42
N LEU C 209 11.45 -11.14 19.35
CA LEU C 209 10.91 -10.15 18.39
C LEU C 209 10.48 -8.85 19.04
N CYS C 210 10.35 -7.84 18.19
CA CYS C 210 10.11 -6.47 18.63
C CYS C 210 9.20 -5.67 17.69
N PHE C 211 8.16 -5.09 18.27
CA PHE C 211 7.25 -4.28 17.54
C PHE C 211 7.06 -2.96 18.22
N VAL C 212 6.45 -2.10 17.41
CA VAL C 212 6.15 -0.70 17.67
C VAL C 212 4.80 -0.21 17.12
N SER C 213 4.12 0.58 17.94
CA SER C 213 2.91 1.26 17.54
C SER C 213 2.78 2.48 18.39
N GLY C 214 1.98 3.45 17.92
CA GLY C 214 1.79 4.75 18.59
C GLY C 214 0.71 4.71 19.64
N CYS C 215 0.83 5.53 20.69
CA CYS C 215 -0.14 5.46 21.80
C CYS C 215 -1.31 6.36 21.51
N LYS C 216 -2.44 6.10 22.19
CA LYS C 216 -3.54 7.04 22.22
C LYS C 216 -2.94 8.42 22.13
N ASP C 217 -1.72 8.52 22.64
CA ASP C 217 -1.02 9.74 22.73
C ASP C 217 -0.52 10.34 21.36
N PHE C 218 0.08 9.46 20.56
CA PHE C 218 0.85 9.81 19.38
C PHE C 218 0.11 10.70 18.42
N CYS C 219 0.85 11.53 17.67
CA CYS C 219 0.26 12.43 16.69
C CYS C 219 1.33 13.05 15.78
N LEU C 220 1.00 13.13 14.47
CA LEU C 220 1.81 13.71 13.39
C LEU C 220 1.24 15.00 12.80
N ARG C 221 2.12 15.81 12.21
CA ARG C 221 1.70 17.01 11.49
C ARG C 221 2.77 17.47 10.50
N MET C 222 2.42 18.48 9.68
CA MET C 222 3.23 19.04 8.57
C MET C 222 3.46 18.03 7.47
N ALA C 223 2.51 17.94 6.54
CA ALA C 223 2.55 16.94 5.45
C ALA C 223 3.70 17.24 4.47
N ARG C 224 4.47 16.18 4.20
CA ARG C 224 5.66 16.30 3.40
C ARG C 224 6.01 14.96 2.74
N ASP C 225 6.89 15.02 1.74
CA ASP C 225 7.20 13.86 0.89
C ASP C 225 8.05 12.90 1.60
N THR C 226 7.84 11.64 1.27
CA THR C 226 8.57 10.60 1.93
C THR C 226 9.95 10.46 1.34
N ASN C 227 10.89 10.02 2.18
CA ASN C 227 12.31 9.88 1.84
C ASN C 227 12.68 8.43 1.82
N LEU C 228 11.93 7.63 2.57
CA LEU C 228 12.18 6.20 2.69
C LEU C 228 11.91 5.42 1.37
N HIS C 229 11.92 6.16 0.28
CA HIS C 229 11.57 5.58 -1.00
C HIS C 229 11.81 6.62 -2.07
N LEU C 230 12.31 6.17 -3.23
CA LEU C 230 12.68 7.06 -4.34
C LEU C 230 12.24 6.55 -5.76
N GLN C 231 12.41 7.41 -6.76
CA GLN C 231 12.34 6.98 -8.13
C GLN C 231 13.41 7.74 -8.91
N SER C 232 14.42 7.00 -9.35
CA SER C 232 15.41 7.49 -10.34
C SER C 232 15.22 6.75 -11.69
N GLY C 233 14.90 7.53 -12.72
CA GLY C 233 14.59 7.00 -14.01
C GLY C 233 13.20 6.34 -14.10
N ALA C 234 12.50 6.68 -15.20
CA ALA C 234 11.09 6.34 -15.47
C ALA C 234 10.54 4.86 -15.34
N ILE C 235 9.21 4.78 -15.21
CA ILE C 235 8.54 3.54 -15.03
C ILE C 235 7.88 3.24 -16.34
N ALA C 236 7.93 1.97 -16.70
CA ALA C 236 7.44 1.46 -17.95
C ALA C 236 5.94 1.26 -17.93
N GLN C 237 5.30 1.63 -19.04
CA GLN C 237 3.87 1.45 -19.20
C GLN C 237 3.54 0.17 -19.99
N ALA D 2 -23.80 29.88 3.86
CA ALA D 2 -23.41 28.75 4.73
C ALA D 2 -21.92 28.85 5.18
N GLN D 3 -21.69 29.25 6.45
CA GLN D 3 -20.31 29.44 7.00
C GLN D 3 -20.07 28.81 8.39
N VAL D 4 -18.79 28.44 8.65
CA VAL D 4 -18.41 27.51 9.73
C VAL D 4 -17.10 27.80 10.56
N SER D 5 -16.72 26.86 11.43
CA SER D 5 -15.50 26.95 12.27
C SER D 5 -14.52 25.71 12.18
N ARG D 6 -13.24 25.96 11.82
CA ARG D 6 -12.15 24.92 11.69
C ARG D 6 -11.05 24.88 12.86
N GLN D 7 -9.80 24.44 12.51
CA GLN D 7 -8.58 24.39 13.37
C GLN D 7 -7.78 25.67 13.27
N ASN D 25 -14.48 32.25 11.34
CA ASN D 25 -15.69 32.10 10.49
C ASN D 25 -15.48 32.48 9.06
N TYR D 26 -15.96 31.62 8.18
CA TYR D 26 -15.77 31.81 6.76
C TYR D 26 -16.94 31.22 5.97
N PHE D 27 -17.22 31.80 4.81
CA PHE D 27 -18.35 31.39 3.94
C PHE D 27 -17.91 30.36 2.89
N ASN D 28 -18.86 29.61 2.35
CA ASN D 28 -18.56 28.64 1.31
C ASN D 28 -19.84 27.93 0.83
N ILE D 29 -20.43 28.46 -0.23
CA ILE D 29 -21.45 27.71 -0.92
C ILE D 29 -20.78 27.15 -2.13
N ASN D 30 -21.45 26.27 -2.86
CA ASN D 30 -20.82 25.71 -4.06
C ASN D 30 -21.33 26.39 -5.31
N TYR D 31 -20.43 27.06 -6.04
CA TYR D 31 -20.80 27.85 -7.21
C TYR D 31 -21.09 26.87 -8.35
N PHE D 32 -20.72 25.61 -8.11
CA PHE D 32 -20.84 24.56 -9.11
C PHE D 32 -21.97 23.52 -9.01
N LYS D 33 -22.49 23.14 -10.16
CA LYS D 33 -23.71 22.35 -10.24
C LYS D 33 -23.42 20.86 -10.09
N ASP D 34 -22.18 20.46 -10.32
CA ASP D 34 -21.84 19.04 -10.22
C ASP D 34 -21.10 18.65 -8.93
N ALA D 35 -21.47 17.49 -8.39
CA ALA D 35 -21.05 16.98 -7.13
C ALA D 35 -19.57 17.03 -7.01
N ALA D 36 -18.84 16.64 -8.05
CA ALA D 36 -17.38 16.62 -8.00
C ALA D 36 -16.72 18.03 -7.95
N SER D 37 -17.38 18.96 -8.62
CA SER D 37 -16.91 20.32 -8.70
C SER D 37 -16.54 20.91 -7.39
N ASN D 38 -17.15 20.40 -6.34
CA ASN D 38 -17.08 21.00 -5.02
C ASN D 38 -15.72 20.85 -4.32
N GLY D 39 -15.43 21.75 -3.40
CA GLY D 39 -14.18 21.72 -2.66
C GLY D 39 -13.92 20.49 -1.81
N ALA D 40 -12.87 20.63 -1.01
CA ALA D 40 -12.41 19.54 -0.17
C ALA D 40 -13.42 19.25 0.91
N SER D 41 -13.63 17.97 1.23
CA SER D 41 -14.66 17.61 2.19
C SER D 41 -14.32 18.08 3.62
N LYS D 42 -15.31 17.96 4.52
CA LYS D 42 -15.14 18.06 6.00
C LYS D 42 -15.05 16.65 6.73
N LEU D 43 -14.95 16.65 8.07
CA LEU D 43 -14.66 15.41 8.79
C LEU D 43 -15.56 15.07 9.98
N CYS E 1 5.98 39.74 -53.67
CA CYS E 1 6.22 38.28 -53.78
C CYS E 1 7.75 37.87 -53.80
N ARG E 2 8.38 37.91 -52.62
CA ARG E 2 9.80 37.54 -52.43
C ARG E 2 10.28 38.01 -51.04
N ILE E 3 11.35 38.80 -51.06
CA ILE E 3 12.05 39.28 -49.86
C ILE E 3 12.71 38.06 -49.10
N HIS E 4 13.43 37.21 -49.85
CA HIS E 4 14.37 36.11 -49.36
C HIS E 4 13.77 34.96 -48.48
N GLU E 5 12.46 35.04 -48.22
CA GLU E 5 11.78 33.94 -47.60
C GLU E 5 10.68 33.58 -48.57
N ILE E 6 9.87 34.58 -48.88
CA ILE E 6 8.70 34.38 -49.73
C ILE E 6 9.13 34.15 -51.22
N SER E 7 8.46 33.20 -51.90
CA SER E 7 8.76 32.77 -53.30
C SER E 7 7.83 31.53 -53.71
N CYS E 8 6.81 31.79 -54.54
CA CYS E 8 5.85 30.70 -54.85
C CYS E 8 6.42 29.63 -55.74
N GLY E 9 6.14 28.38 -55.37
CA GLY E 9 6.37 27.22 -56.24
C GLY E 9 5.40 27.36 -57.41
N ALA E 10 5.51 28.50 -58.05
CA ALA E 10 4.76 28.80 -59.23
C ALA E 10 5.23 30.14 -59.81
N HIS E 11 5.23 30.17 -61.14
CA HIS E 11 5.25 31.37 -62.01
C HIS E 11 4.45 32.61 -61.45
N SER E 12 3.19 32.33 -61.01
CA SER E 12 2.19 33.32 -60.50
C SER E 12 1.75 33.11 -59.00
N THR E 13 0.41 33.03 -58.78
CA THR E 13 -0.31 32.83 -57.45
C THR E 13 0.16 33.87 -56.42
N GLN E 14 0.12 33.47 -55.14
CA GLN E 14 0.90 34.14 -54.06
C GLN E 14 2.32 33.50 -53.94
N CYS E 15 2.74 33.20 -52.70
CA CYS E 15 4.07 32.64 -52.44
C CYS E 15 4.26 31.93 -51.12
N ILE E 16 5.00 30.83 -51.17
CA ILE E 16 5.10 29.91 -50.06
C ILE E 16 6.48 30.09 -49.36
N PRO E 17 6.47 30.68 -48.15
CA PRO E 17 7.70 30.98 -47.34
C PRO E 17 8.51 29.73 -46.94
N VAL E 18 9.66 29.49 -47.59
CA VAL E 18 10.50 28.29 -47.36
C VAL E 18 9.69 27.12 -46.73
N SER E 19 10.16 26.58 -45.61
CA SER E 19 9.44 25.54 -44.86
C SER E 19 8.74 24.48 -45.72
N TRP E 20 7.56 24.85 -46.25
CA TRP E 20 6.79 24.00 -47.16
C TRP E 20 7.33 24.13 -48.57
N ARG E 21 8.65 24.35 -48.65
CA ARG E 21 9.43 24.11 -49.86
C ARG E 21 9.97 22.68 -49.66
N CYS E 22 9.20 21.69 -50.13
CA CYS E 22 9.52 20.27 -49.93
C CYS E 22 9.37 19.73 -48.45
N ASP E 23 8.13 19.75 -47.98
CA ASP E 23 7.82 19.40 -46.61
C ASP E 23 6.73 18.35 -46.58
N GLY E 24 6.54 17.67 -47.68
CA GLY E 24 5.50 16.63 -47.73
C GLY E 24 4.07 17.17 -47.58
N GLU E 25 3.90 18.47 -47.90
CA GLU E 25 2.57 19.11 -47.93
C GLU E 25 2.44 20.01 -49.12
N ASN E 26 1.22 20.16 -49.64
CA ASN E 26 0.96 20.95 -50.88
C ASN E 26 0.42 22.34 -50.62
N ASP E 27 1.29 23.31 -50.88
CA ASP E 27 1.04 24.77 -50.69
C ASP E 27 0.78 25.56 -52.07
N CYS E 28 1.81 26.11 -52.71
CA CYS E 28 1.62 26.76 -54.03
C CYS E 28 0.97 25.75 -54.94
N ASP E 29 -0.16 26.14 -55.50
CA ASP E 29 -1.15 25.17 -56.01
C ASP E 29 -0.75 24.24 -57.19
N SER E 30 0.05 24.79 -58.13
CA SER E 30 0.57 24.02 -59.30
C SER E 30 1.34 22.70 -58.92
N GLY E 31 1.17 22.29 -57.66
CA GLY E 31 1.89 21.15 -57.05
C GLY E 31 3.39 21.37 -56.83
N GLU E 32 3.84 22.57 -57.25
CA GLU E 32 5.25 22.96 -57.53
C GLU E 32 6.14 23.48 -56.37
N ASP E 33 5.54 23.66 -55.19
CA ASP E 33 6.28 23.68 -53.90
C ASP E 33 6.72 22.20 -53.44
N GLU E 34 6.45 21.23 -54.34
CA GLU E 34 6.73 19.82 -54.10
C GLU E 34 7.25 19.10 -55.35
N GLU E 35 7.30 19.85 -56.47
CA GLU E 35 7.67 19.29 -57.79
C GLU E 35 9.18 18.95 -57.98
N ASN E 36 9.48 17.63 -57.88
CA ASN E 36 10.82 16.99 -58.19
C ASN E 36 12.03 17.33 -57.23
N CYS E 37 11.77 17.27 -55.90
CA CYS E 37 12.80 17.30 -54.83
C CYS E 37 13.01 15.94 -54.03
N GLY E 38 13.76 15.01 -54.64
CA GLY E 38 14.37 13.80 -54.02
C GLY E 38 15.94 13.77 -54.04
N ASN E 39 16.59 14.19 -52.94
CA ASN E 39 18.07 14.35 -52.84
C ASN E 39 18.88 13.35 -51.92
O1 DAO F . -4.71 2.60 -10.86
O2 DAO F . -3.81 4.39 -11.65
C1 DAO F . -4.80 3.70 -11.39
C2 DAO F . -6.21 4.17 -11.70
C3 DAO F . -6.58 5.38 -10.86
C4 DAO F . -7.56 6.28 -11.65
C5 DAO F . -7.33 7.80 -11.48
C6 DAO F . -8.10 8.68 -12.49
C7 DAO F . -7.49 10.05 -12.70
C8 DAO F . -7.43 10.24 -14.20
C9 DAO F . -6.99 11.64 -14.65
C10 DAO F . -7.00 11.85 -16.20
C11 DAO F . -7.37 13.27 -16.76
C12 DAO F . -7.86 13.35 -18.19
CA CA G . 4.42 22.31 -49.03
#